data_8VJM
#
_entry.id   8VJM
#
_cell.length_a   1.00
_cell.length_b   1.00
_cell.length_c   1.00
_cell.angle_alpha   90.00
_cell.angle_beta   90.00
_cell.angle_gamma   90.00
#
_symmetry.space_group_name_H-M   'P 1'
#
loop_
_entity.id
_entity.type
_entity.pdbx_description
1 polymer 'Stage IV sporulation protein FB'
2 polymer 'RNA polymerase sigma-K factor'
3 non-polymer 'Lauryl Maltose Neopentyl Glycol'
4 non-polymer DI-PALMITOYL-3-SN-PHOSPHATIDYLETHANOLAMINE
#
loop_
_entity_poly.entity_id
_entity_poly.type
_entity_poly.pdbx_seq_one_letter_code
_entity_poly.pdbx_strand_id
1 'polypeptide(L)'
;MNKWLDLILKIHVHPFLWIIAALGLLTGHMKALLCLLLIVLIHQLGHAALAVFFSWRIKRVFLLPFGGTVEVEEHGNRPL
KEEFAVIIAGPLQHIWLQFAAWMLAEVSVIHQHTFELFTFYNLSILFVNLLPIWPLDGGKLLFLLFSKQLPFQKAHRLNL
KTSLCFCLLLGCWVLFVIPLQISAWVLFVFLAVSLFEEYRQRHYIHVRFLLERYYGKNRELEKLLPLTVKAEDKVYHVMA
EFKRGCKHPIIIEKSGQKLSQLDENEVLHAYFADKRTNSSMEELLLPYKLDYKDDDDKDYKDDDDKLEHHHHHH
;
A,C
2 'polypeptide(L)'
;MVTGVFAALGFVVKELVFLVSYVKNNAFPQPLSSSEEKKYLELMAKGDEHARNMLIEHNLRLVAHIVKKFENTGEDAEDL
ISIGTIGLIKGIESYSAGKGTKLATYAARCIENEILMHLRALKKTKKGSHHHHHH
;
B,D
#
loop_
_chem_comp.id
_chem_comp.type
_chem_comp.name
_chem_comp.formula
LMN non-polymer 'Lauryl Maltose Neopentyl Glycol' 'C47 H88 O22'
PEF non-polymer DI-PALMITOYL-3-SN-PHOSPHATIDYLETHANOLAMINE 'C37 H74 N O8 P'
#
# COMPACT_ATOMS: atom_id res chain seq x y z
N MET A 1 -4.12 1.35 -17.06
CA MET A 1 -3.76 2.37 -16.08
C MET A 1 -3.41 1.74 -14.73
N ASN A 2 -2.20 1.18 -14.65
CA ASN A 2 -1.75 0.58 -13.39
C ASN A 2 -1.45 1.63 -12.33
N LYS A 3 -1.33 2.90 -12.72
CA LYS A 3 -1.19 3.96 -11.73
C LYS A 3 -2.43 4.04 -10.83
N TRP A 4 -3.60 3.65 -11.36
CA TRP A 4 -4.78 3.50 -10.53
C TRP A 4 -4.54 2.54 -9.38
N LEU A 5 -4.00 1.35 -9.68
CA LEU A 5 -3.71 0.37 -8.64
C LEU A 5 -2.62 0.88 -7.70
N ASP A 6 -1.59 1.54 -8.24
CA ASP A 6 -0.55 2.09 -7.38
C ASP A 6 -1.13 3.08 -6.39
N LEU A 7 -2.00 3.97 -6.85
CA LEU A 7 -2.61 4.94 -5.95
C LEU A 7 -3.52 4.26 -4.93
N ILE A 8 -4.31 3.28 -5.36
CA ILE A 8 -5.26 2.66 -4.43
C ILE A 8 -4.51 1.84 -3.37
N LEU A 9 -3.34 1.30 -3.70
CA LEU A 9 -2.51 0.68 -2.68
C LEU A 9 -1.61 1.67 -1.94
N LYS A 10 -1.56 2.93 -2.37
CA LYS A 10 -0.81 3.97 -1.68
C LYS A 10 -1.73 4.99 -1.01
N ILE A 11 -2.83 4.51 -0.42
CA ILE A 11 -3.78 5.37 0.26
C ILE A 11 -3.39 5.46 1.72
N HIS A 12 -2.96 6.65 2.15
CA HIS A 12 -2.63 6.86 3.56
C HIS A 12 -3.90 7.07 4.38
N VAL A 13 -3.77 6.90 5.69
CA VAL A 13 -4.85 7.15 6.64
C VAL A 13 -4.29 7.91 7.82
N HIS A 14 -5.03 8.91 8.28
CA HIS A 14 -4.61 9.69 9.44
C HIS A 14 -4.77 8.87 10.71
N PRO A 15 -3.87 9.05 11.68
CA PRO A 15 -4.00 8.28 12.94
C PRO A 15 -5.29 8.55 13.69
N PHE A 16 -5.84 9.76 13.62
CA PHE A 16 -7.08 10.06 14.33
C PHE A 16 -8.26 9.27 13.77
N LEU A 17 -8.17 8.82 12.51
CA LEU A 17 -9.25 8.01 11.95
C LEU A 17 -9.38 6.68 12.67
N TRP A 18 -8.26 6.10 13.10
CA TRP A 18 -8.33 4.86 13.89
C TRP A 18 -9.05 5.09 15.22
N ILE A 19 -8.77 6.23 15.88
CA ILE A 19 -9.45 6.53 17.13
C ILE A 19 -10.94 6.74 16.89
N ILE A 20 -11.29 7.40 15.79
CA ILE A 20 -12.70 7.60 15.45
C ILE A 20 -13.38 6.25 15.22
N ALA A 21 -12.71 5.36 14.50
CA ALA A 21 -13.28 4.03 14.27
C ALA A 21 -13.45 3.27 15.58
N ALA A 22 -12.46 3.37 16.47
CA ALA A 22 -12.56 2.70 17.77
C ALA A 22 -13.73 3.24 18.58
N LEU A 23 -13.92 4.56 18.57
CA LEU A 23 -15.05 5.15 19.28
C LEU A 23 -16.38 4.74 18.64
N GLY A 24 -16.41 4.59 17.33
CA GLY A 24 -17.62 4.18 16.64
C GLY A 24 -17.91 2.70 16.64
N LEU A 25 -16.95 1.88 17.07
CA LEU A 25 -17.14 0.43 17.12
C LEU A 25 -17.67 -0.06 18.45
N LEU A 26 -17.35 0.63 19.55
CA LEU A 26 -17.86 0.27 20.85
C LEU A 26 -19.17 0.98 21.19
N THR A 27 -19.66 1.85 20.31
CA THR A 27 -20.88 2.61 20.55
C THR A 27 -22.03 2.21 19.63
N GLY A 28 -21.74 1.78 18.42
CA GLY A 28 -22.76 1.30 17.51
C GLY A 28 -23.02 2.15 16.28
N HIS A 29 -22.06 2.97 15.85
CA HIS A 29 -22.23 3.86 14.71
C HIS A 29 -21.48 3.37 13.48
N MET A 30 -21.42 2.05 13.26
CA MET A 30 -20.71 1.53 12.10
C MET A 30 -21.41 1.84 10.79
N LYS A 31 -22.75 1.90 10.77
CA LYS A 31 -23.44 2.14 9.51
C LYS A 31 -23.13 3.53 8.97
N ALA A 32 -23.20 4.55 9.81
CA ALA A 32 -22.90 5.92 9.37
C ALA A 32 -21.44 6.04 8.94
N LEU A 33 -20.53 5.46 9.71
CA LEU A 33 -19.11 5.53 9.36
C LEU A 33 -18.85 4.84 8.03
N LEU A 34 -19.44 3.67 7.82
CA LEU A 34 -19.25 2.95 6.56
C LEU A 34 -19.81 3.75 5.39
N CYS A 35 -21.00 4.33 5.55
CA CYS A 35 -21.59 5.11 4.46
C CYS A 35 -20.72 6.31 4.11
N LEU A 36 -20.29 7.07 5.13
CA LEU A 36 -19.48 8.25 4.87
C LEU A 36 -18.14 7.88 4.25
N LEU A 37 -17.49 6.82 4.77
CA LEU A 37 -16.21 6.41 4.22
C LEU A 37 -16.37 5.95 2.78
N LEU A 38 -17.43 5.21 2.47
CA LEU A 38 -17.66 4.75 1.11
C LEU A 38 -17.84 5.93 0.17
N ILE A 39 -18.65 6.91 0.57
CA ILE A 39 -18.91 8.06 -0.31
C ILE A 39 -17.62 8.85 -0.54
N VAL A 40 -16.87 9.11 0.53
CA VAL A 40 -15.65 9.90 0.39
C VAL A 40 -14.61 9.14 -0.44
N LEU A 41 -14.49 7.82 -0.24
CA LEU A 41 -13.54 7.04 -1.00
C LEU A 41 -13.90 7.00 -2.47
N ILE A 42 -15.19 6.86 -2.79
CA ILE A 42 -15.61 6.89 -4.19
C ILE A 42 -15.30 8.24 -4.81
N HIS A 43 -15.59 9.33 -4.10
CA HIS A 43 -15.28 10.65 -4.61
C HIS A 43 -13.79 10.80 -4.91
N GLN A 44 -12.95 10.41 -3.95
CA GLN A 44 -11.51 10.56 -4.13
C GLN A 44 -10.98 9.69 -5.25
N LEU A 45 -11.48 8.45 -5.34
CA LEU A 45 -11.03 7.56 -6.40
C LEU A 45 -11.44 8.06 -7.77
N GLY A 46 -12.66 8.61 -7.90
CA GLY A 46 -13.06 9.19 -9.17
C GLY A 46 -12.18 10.36 -9.56
N HIS A 47 -11.92 11.25 -8.60
CA HIS A 47 -11.04 12.39 -8.87
C HIS A 47 -9.66 11.93 -9.35
N ALA A 48 -9.05 11.01 -8.60
CA ALA A 48 -7.71 10.54 -8.95
C ALA A 48 -7.69 9.81 -10.28
N ALA A 49 -8.71 8.98 -10.54
CA ALA A 49 -8.76 8.23 -11.78
C ALA A 49 -8.87 9.15 -12.99
N LEU A 50 -9.72 10.19 -12.89
CA LEU A 50 -9.81 11.10 -14.02
C LEU A 50 -8.59 12.00 -14.12
N ALA A 51 -7.91 12.29 -13.02
CA ALA A 51 -6.68 13.06 -13.08
C ALA A 51 -5.54 12.30 -13.73
N VAL A 52 -5.46 10.98 -13.49
CA VAL A 52 -4.41 10.18 -14.10
C VAL A 52 -4.54 10.17 -15.62
N PHE A 53 -5.76 10.26 -16.13
CA PHE A 53 -5.98 10.21 -17.58
C PHE A 53 -5.21 11.33 -18.29
N PHE A 54 -5.15 12.50 -17.69
CA PHE A 54 -4.45 13.63 -18.30
C PHE A 54 -2.97 13.66 -17.95
N SER A 55 -2.46 12.65 -17.24
CA SER A 55 -1.04 12.50 -16.93
C SER A 55 -0.53 13.69 -16.11
N TRP A 56 -1.11 13.86 -14.93
CA TRP A 56 -0.66 14.84 -13.97
C TRP A 56 0.26 14.18 -12.95
N ARG A 57 0.86 15.00 -12.09
CA ARG A 57 1.81 14.52 -11.08
C ARG A 57 1.10 14.30 -9.74
N ILE A 58 0.19 13.33 -9.72
CA ILE A 58 -0.53 13.00 -8.50
C ILE A 58 0.45 12.42 -7.49
N LYS A 59 0.38 12.93 -6.26
CA LYS A 59 1.30 12.48 -5.20
C LYS A 59 0.73 11.31 -4.42
N ARG A 60 -0.41 11.50 -3.77
CA ARG A 60 -1.04 10.44 -2.98
C ARG A 60 -2.45 10.87 -2.64
N VAL A 61 -3.31 9.87 -2.40
CA VAL A 61 -4.68 10.07 -1.97
C VAL A 61 -4.78 9.59 -0.52
N PHE A 62 -5.01 10.51 0.40
CA PHE A 62 -5.07 10.17 1.82
C PHE A 62 -6.34 10.71 2.44
N LEU A 63 -6.75 10.07 3.54
CA LEU A 63 -8.00 10.37 4.23
C LEU A 63 -7.68 11.02 5.56
N LEU A 64 -7.74 12.35 5.58
CA LEU A 64 -7.64 13.10 6.83
C LEU A 64 -8.91 12.90 7.64
N PRO A 65 -8.88 13.20 8.96
CA PRO A 65 -10.00 12.82 9.82
C PRO A 65 -11.37 13.31 9.35
N PHE A 66 -11.47 14.52 8.81
CA PHE A 66 -12.75 15.11 8.47
C PHE A 66 -12.98 15.19 6.95
N GLY A 67 -12.48 14.21 6.21
CA GLY A 67 -12.73 14.17 4.79
C GLY A 67 -11.55 13.53 4.05
N GLY A 68 -11.37 13.95 2.80
CA GLY A 68 -10.32 13.42 1.96
C GLY A 68 -9.55 14.55 1.28
N THR A 69 -8.49 14.15 0.56
CA THR A 69 -7.63 15.11 -0.09
C THR A 69 -6.77 14.46 -1.18
N VAL A 70 -6.83 14.99 -2.39
CA VAL A 70 -5.97 14.55 -3.49
C VAL A 70 -4.91 15.62 -3.71
N GLU A 71 -3.64 15.22 -3.70
CA GLU A 71 -2.53 16.17 -3.81
C GLU A 71 -2.10 16.32 -5.26
N VAL A 72 -2.90 17.07 -6.01
CA VAL A 72 -2.51 17.44 -7.36
C VAL A 72 -1.33 18.41 -7.29
N GLU A 73 -0.39 18.26 -8.23
CA GLU A 73 0.86 18.99 -8.19
C GLU A 73 0.90 20.21 -9.09
N GLU A 74 0.11 20.25 -10.15
CA GLU A 74 0.16 21.33 -11.15
C GLU A 74 -0.89 22.38 -10.82
N HIS A 75 -0.44 23.60 -10.55
CA HIS A 75 -1.30 24.69 -10.11
C HIS A 75 -1.15 25.85 -11.10
N GLY A 76 -2.18 26.08 -11.91
CA GLY A 76 -2.21 27.25 -12.77
C GLY A 76 -1.20 27.26 -13.90
N ASN A 77 -0.99 26.12 -14.55
CA ASN A 77 -0.06 26.06 -15.67
C ASN A 77 -0.59 25.14 -16.78
N ARG A 78 -1.91 25.00 -16.89
CA ARG A 78 -2.54 24.12 -17.85
C ARG A 78 -3.70 24.83 -18.53
N PRO A 79 -4.07 24.41 -19.74
CA PRO A 79 -5.30 24.89 -20.35
C PRO A 79 -6.51 24.51 -19.50
N LEU A 80 -7.53 25.37 -19.54
CA LEU A 80 -8.64 25.24 -18.60
C LEU A 80 -9.53 24.04 -18.92
N LYS A 81 -9.40 23.46 -20.11
CA LYS A 81 -10.29 22.36 -20.50
C LYS A 81 -10.14 21.17 -19.57
N GLU A 82 -8.90 20.69 -19.39
CA GLU A 82 -8.71 19.52 -18.55
C GLU A 82 -8.93 19.83 -17.08
N GLU A 83 -8.64 21.07 -16.66
CA GLU A 83 -8.94 21.45 -15.29
C GLU A 83 -10.44 21.38 -15.01
N PHE A 84 -11.25 21.96 -15.90
CA PHE A 84 -12.69 21.89 -15.77
C PHE A 84 -13.22 20.47 -15.89
N ALA A 85 -12.54 19.62 -16.66
CA ALA A 85 -12.95 18.23 -16.74
C ALA A 85 -12.67 17.48 -15.45
N VAL A 86 -11.48 17.69 -14.86
CA VAL A 86 -11.11 16.95 -13.65
C VAL A 86 -11.89 17.43 -12.44
N ILE A 87 -12.21 18.72 -12.35
CA ILE A 87 -12.94 19.20 -11.18
C ILE A 87 -14.35 18.61 -11.13
N ILE A 88 -14.95 18.31 -12.28
CA ILE A 88 -16.33 17.84 -12.32
C ILE A 88 -16.39 16.33 -12.15
N ALA A 89 -15.24 15.72 -11.79
CA ALA A 89 -15.19 14.27 -11.65
C ALA A 89 -16.00 13.74 -10.48
N GLY A 90 -16.40 14.58 -9.53
CA GLY A 90 -17.12 14.12 -8.38
C GLY A 90 -18.58 14.53 -8.32
N PRO A 91 -18.89 15.77 -8.70
CA PRO A 91 -20.31 16.14 -8.85
C PRO A 91 -21.04 15.35 -9.92
N LEU A 92 -20.32 14.76 -10.87
CA LEU A 92 -20.92 13.87 -11.87
C LEU A 92 -20.63 12.41 -11.56
N GLN A 93 -20.48 12.08 -10.29
CA GLN A 93 -20.22 10.71 -9.86
C GLN A 93 -21.27 10.14 -8.92
N HIS A 94 -21.91 10.99 -8.11
CA HIS A 94 -22.93 10.51 -7.19
C HIS A 94 -24.17 9.98 -7.90
N ILE A 95 -24.33 10.28 -9.18
CA ILE A 95 -25.52 9.85 -9.91
C ILE A 95 -25.59 8.33 -9.98
N TRP A 96 -24.48 7.68 -10.36
CA TRP A 96 -24.50 6.23 -10.46
C TRP A 96 -24.51 5.56 -9.10
N LEU A 97 -23.97 6.21 -8.07
CA LEU A 97 -24.13 5.70 -6.71
C LEU A 97 -25.60 5.70 -6.30
N GLN A 98 -26.31 6.78 -6.62
CA GLN A 98 -27.74 6.83 -6.33
C GLN A 98 -28.50 5.77 -7.11
N PHE A 99 -28.13 5.57 -8.38
CA PHE A 99 -28.78 4.54 -9.19
C PHE A 99 -28.55 3.15 -8.59
N ALA A 100 -27.32 2.86 -8.17
CA ALA A 100 -27.02 1.58 -7.56
C ALA A 100 -27.80 1.41 -6.25
N ALA A 101 -27.91 2.47 -5.46
CA ALA A 101 -28.69 2.38 -4.23
C ALA A 101 -30.15 2.09 -4.53
N TRP A 102 -30.70 2.74 -5.56
CA TRP A 102 -32.09 2.48 -5.96
C TRP A 102 -32.28 1.03 -6.37
N MET A 103 -31.35 0.51 -7.18
CA MET A 103 -31.47 -0.87 -7.64
C MET A 103 -31.37 -1.86 -6.47
N LEU A 104 -30.42 -1.62 -5.56
CA LEU A 104 -30.26 -2.50 -4.41
C LEU A 104 -31.48 -2.45 -3.50
N ALA A 105 -32.08 -1.27 -3.33
CA ALA A 105 -33.30 -1.18 -2.55
C ALA A 105 -34.44 -1.94 -3.24
N GLU A 106 -34.55 -1.82 -4.56
CA GLU A 106 -35.63 -2.48 -5.27
C GLU A 106 -35.51 -4.01 -5.20
N VAL A 107 -34.29 -4.53 -5.33
CA VAL A 107 -34.10 -5.97 -5.23
C VAL A 107 -34.21 -6.45 -3.78
N SER A 108 -34.30 -5.52 -2.84
CA SER A 108 -34.55 -5.78 -1.42
C SER A 108 -33.36 -6.40 -0.71
N VAL A 109 -32.14 -6.16 -1.19
CA VAL A 109 -30.95 -6.53 -0.42
C VAL A 109 -30.89 -5.73 0.88
N ILE A 110 -31.16 -4.43 0.79
CA ILE A 110 -31.17 -3.54 1.94
C ILE A 110 -32.61 -3.11 2.20
N HIS A 111 -32.98 -3.04 3.48
CA HIS A 111 -34.34 -2.72 3.86
C HIS A 111 -34.58 -1.21 3.71
N GLN A 112 -35.73 -0.74 4.20
CA GLN A 112 -36.23 0.60 3.89
C GLN A 112 -35.85 1.65 4.93
N HIS A 113 -34.69 1.50 5.58
CA HIS A 113 -34.12 2.54 6.42
C HIS A 113 -32.73 2.96 5.94
N THR A 114 -31.86 1.98 5.67
CA THR A 114 -30.52 2.29 5.21
C THR A 114 -30.54 3.03 3.88
N PHE A 115 -31.53 2.75 3.04
CA PHE A 115 -31.63 3.46 1.76
C PHE A 115 -31.84 4.95 1.97
N GLU A 116 -32.78 5.31 2.85
CA GLU A 116 -33.00 6.72 3.15
C GLU A 116 -31.77 7.34 3.81
N LEU A 117 -31.13 6.62 4.73
CA LEU A 117 -29.93 7.17 5.35
C LEU A 117 -28.85 7.46 4.32
N PHE A 118 -28.60 6.51 3.42
CA PHE A 118 -27.58 6.67 2.40
C PHE A 118 -27.93 7.80 1.45
N THR A 119 -29.18 7.89 1.02
CA THR A 119 -29.57 8.98 0.13
C THR A 119 -29.42 10.34 0.81
N PHE A 120 -29.80 10.42 2.08
CA PHE A 120 -29.66 11.67 2.81
C PHE A 120 -28.20 12.09 2.89
N TYR A 121 -27.32 11.17 3.27
CA TYR A 121 -25.91 11.52 3.39
C TYR A 121 -25.31 11.87 2.03
N ASN A 122 -25.69 11.14 0.98
CA ASN A 122 -25.16 11.41 -0.36
C ASN A 122 -25.57 12.79 -0.85
N LEU A 123 -26.86 13.10 -0.76
CA LEU A 123 -27.36 14.39 -1.22
C LEU A 123 -26.99 15.53 -0.27
N SER A 124 -26.53 15.23 0.94
CA SER A 124 -25.92 16.26 1.76
C SER A 124 -24.49 16.56 1.36
N ILE A 125 -23.67 15.52 1.15
CA ILE A 125 -22.28 15.75 0.75
C ILE A 125 -22.21 16.39 -0.64
N LEU A 126 -23.11 16.01 -1.55
CA LEU A 126 -23.10 16.62 -2.88
C LEU A 126 -23.34 18.12 -2.81
N PHE A 127 -24.31 18.55 -1.99
CA PHE A 127 -24.61 19.97 -1.87
C PHE A 127 -23.65 20.72 -0.96
N VAL A 128 -22.91 20.03 -0.10
CA VAL A 128 -21.87 20.71 0.68
C VAL A 128 -20.63 20.92 -0.15
N ASN A 129 -20.18 19.91 -0.90
CA ASN A 129 -19.01 20.11 -1.76
C ASN A 129 -19.41 20.73 -3.08
N LEU A 130 -20.20 21.81 -3.03
CA LEU A 130 -20.48 22.61 -4.21
C LEU A 130 -20.59 24.09 -3.88
N LEU A 131 -20.40 24.48 -2.63
CA LEU A 131 -20.61 25.86 -2.23
C LEU A 131 -19.56 26.76 -2.90
N PRO A 132 -19.92 28.01 -3.20
CA PRO A 132 -18.94 28.92 -3.82
C PRO A 132 -17.84 29.32 -2.85
N ILE A 133 -16.96 28.37 -2.53
CA ILE A 133 -15.84 28.58 -1.63
C ILE A 133 -14.60 28.05 -2.34
N TRP A 134 -13.44 28.58 -1.95
CA TRP A 134 -12.15 28.07 -2.40
C TRP A 134 -11.36 27.59 -1.19
N PRO A 135 -11.03 26.30 -1.06
CA PRO A 135 -11.29 25.14 -1.91
C PRO A 135 -12.74 24.68 -1.88
N LEU A 136 -12.96 23.40 -2.21
CA LEU A 136 -14.26 22.81 -2.56
C LEU A 136 -14.58 23.16 -4.01
N ASP A 137 -15.27 22.26 -4.71
CA ASP A 137 -15.42 22.35 -6.16
C ASP A 137 -16.13 23.63 -6.61
N GLY A 138 -16.83 24.32 -5.72
CA GLY A 138 -17.44 25.57 -6.11
C GLY A 138 -16.41 26.61 -6.54
N GLY A 139 -15.33 26.74 -5.77
CA GLY A 139 -14.28 27.67 -6.15
C GLY A 139 -13.55 27.26 -7.42
N LYS A 140 -13.27 25.96 -7.56
CA LYS A 140 -12.61 25.46 -8.75
C LYS A 140 -13.54 25.33 -9.94
N LEU A 141 -14.70 25.96 -9.88
CA LEU A 141 -15.54 26.20 -11.04
C LEU A 141 -15.79 27.68 -11.27
N LEU A 142 -16.08 28.43 -10.20
CA LEU A 142 -16.26 29.87 -10.31
C LEU A 142 -14.98 30.56 -10.77
N PHE A 143 -13.84 30.14 -10.22
CA PHE A 143 -12.56 30.72 -10.61
C PHE A 143 -12.23 30.40 -12.06
N LEU A 144 -12.53 29.18 -12.51
CA LEU A 144 -12.31 28.83 -13.91
C LEU A 144 -13.20 29.64 -14.83
N LEU A 145 -14.45 29.86 -14.43
CA LEU A 145 -15.32 30.73 -15.21
C LEU A 145 -14.77 32.16 -15.24
N PHE A 146 -14.22 32.61 -14.11
CA PHE A 146 -13.64 33.94 -14.03
C PHE A 146 -12.46 34.10 -14.98
N SER A 147 -11.62 33.06 -15.06
CA SER A 147 -10.40 33.12 -15.85
C SER A 147 -10.64 32.92 -17.34
N LYS A 148 -11.88 33.06 -17.81
CA LYS A 148 -12.18 32.93 -19.22
C LYS A 148 -12.29 34.27 -19.93
N GLN A 149 -12.57 35.35 -19.21
CA GLN A 149 -12.69 36.68 -19.80
C GLN A 149 -11.93 37.75 -19.03
N LEU A 150 -11.08 37.36 -18.09
CA LEU A 150 -10.38 38.30 -17.22
C LEU A 150 -8.91 37.90 -17.13
N PRO A 151 -8.04 38.86 -16.79
CA PRO A 151 -6.63 38.51 -16.55
C PRO A 151 -6.49 37.58 -15.36
N PHE A 152 -5.42 36.77 -15.39
CA PHE A 152 -5.23 35.74 -14.37
C PHE A 152 -5.10 36.35 -12.98
N GLN A 153 -4.30 37.41 -12.85
CA GLN A 153 -4.07 38.02 -11.54
C GLN A 153 -5.36 38.62 -10.98
N LYS A 154 -6.10 39.36 -11.82
CA LYS A 154 -7.36 39.92 -11.38
C LYS A 154 -8.36 38.83 -11.03
N ALA A 155 -8.39 37.76 -11.82
CA ALA A 155 -9.29 36.65 -11.54
C ALA A 155 -8.98 36.03 -10.18
N HIS A 156 -7.69 35.80 -9.89
CA HIS A 156 -7.32 35.23 -8.60
C HIS A 156 -7.68 36.16 -7.45
N ARG A 157 -7.43 37.45 -7.62
CA ARG A 157 -7.74 38.42 -6.57
C ARG A 157 -9.24 38.42 -6.26
N LEU A 158 -10.06 38.52 -7.30
CA LEU A 158 -11.50 38.55 -7.10
C LEU A 158 -12.01 37.22 -6.54
N ASN A 159 -11.41 36.10 -6.97
CA ASN A 159 -11.81 34.80 -6.45
C ASN A 159 -11.55 34.71 -4.95
N LEU A 160 -10.37 35.12 -4.50
CA LEU A 160 -10.08 35.03 -3.07
C LEU A 160 -10.95 36.00 -2.28
N LYS A 161 -11.24 37.18 -2.84
CA LYS A 161 -12.12 38.12 -2.15
C LYS A 161 -13.52 37.53 -1.97
N THR A 162 -14.08 36.97 -3.04
CA THR A 162 -15.41 36.38 -2.94
C THR A 162 -15.42 35.18 -1.99
N SER A 163 -14.36 34.36 -2.03
CA SER A 163 -14.27 33.23 -1.12
C SER A 163 -14.26 33.70 0.33
N LEU A 164 -13.51 34.76 0.63
CA LEU A 164 -13.49 35.29 1.99
C LEU A 164 -14.87 35.80 2.40
N CYS A 165 -15.54 36.52 1.51
CA CYS A 165 -16.86 37.05 1.82
C CYS A 165 -17.85 35.91 2.13
N PHE A 166 -17.86 34.88 1.28
CA PHE A 166 -18.80 33.78 1.49
C PHE A 166 -18.43 32.96 2.72
N CYS A 167 -17.15 32.79 3.01
CA CYS A 167 -16.74 32.10 4.23
C CYS A 167 -17.21 32.86 5.47
N LEU A 168 -17.08 34.19 5.45
CA LEU A 168 -17.59 34.98 6.58
C LEU A 168 -19.10 34.85 6.70
N LEU A 169 -19.81 34.84 5.57
CA LEU A 169 -21.26 34.65 5.62
C LEU A 169 -21.62 33.30 6.24
N LEU A 170 -20.94 32.23 5.83
CA LEU A 170 -21.21 30.92 6.40
C LEU A 170 -20.90 30.88 7.89
N GLY A 171 -19.77 31.48 8.30
CA GLY A 171 -19.44 31.52 9.71
C GLY A 171 -20.48 32.25 10.54
N CYS A 172 -20.96 33.40 10.03
CA CYS A 172 -22.00 34.13 10.73
C CYS A 172 -23.29 33.32 10.82
N TRP A 173 -23.66 32.63 9.74
CA TRP A 173 -24.86 31.80 9.76
C TRP A 173 -24.75 30.70 10.81
N VAL A 174 -23.60 30.02 10.85
CA VAL A 174 -23.40 28.95 11.82
C VAL A 174 -23.45 29.49 13.24
N LEU A 175 -22.79 30.62 13.49
CA LEU A 175 -22.79 31.19 14.83
C LEU A 175 -24.20 31.63 15.24
N PHE A 176 -24.98 32.13 14.29
CA PHE A 176 -26.32 32.62 14.62
C PHE A 176 -27.29 31.48 14.88
N VAL A 177 -27.23 30.41 14.08
CA VAL A 177 -28.24 29.36 14.18
C VAL A 177 -27.78 28.25 15.11
N ILE A 178 -26.68 27.59 14.78
CA ILE A 178 -26.27 26.39 15.50
C ILE A 178 -25.01 26.67 16.33
N PRO A 179 -25.13 26.80 17.64
CA PRO A 179 -23.94 27.03 18.47
C PRO A 179 -23.21 25.74 18.82
N LEU A 180 -23.50 24.67 18.09
CA LEU A 180 -23.02 23.33 18.38
C LEU A 180 -22.72 22.66 17.05
N GLN A 181 -22.67 21.32 17.04
CA GLN A 181 -22.39 20.54 15.84
C GLN A 181 -20.98 20.86 15.31
N ILE A 182 -20.00 20.41 16.11
CA ILE A 182 -18.57 20.67 15.95
C ILE A 182 -18.11 20.54 14.49
N SER A 183 -18.81 19.71 13.72
CA SER A 183 -18.49 19.56 12.30
C SER A 183 -18.45 20.91 11.59
N ALA A 184 -19.44 21.77 11.84
CA ALA A 184 -19.47 23.08 11.21
C ALA A 184 -18.26 23.91 11.61
N TRP A 185 -17.90 23.89 12.89
CA TRP A 185 -16.76 24.67 13.35
C TRP A 185 -15.46 24.19 12.73
N VAL A 186 -15.25 22.88 12.65
CA VAL A 186 -14.01 22.37 12.07
C VAL A 186 -13.97 22.67 10.58
N LEU A 187 -15.11 22.60 9.89
CA LEU A 187 -15.16 23.01 8.50
C LEU A 187 -14.78 24.46 8.33
N PHE A 188 -15.29 25.33 9.20
CA PHE A 188 -14.97 26.75 9.12
C PHE A 188 -13.47 26.99 9.35
N VAL A 189 -12.90 26.31 10.34
CA VAL A 189 -11.47 26.48 10.62
C VAL A 189 -10.64 26.01 9.43
N PHE A 190 -11.01 24.87 8.84
CA PHE A 190 -10.32 24.39 7.65
C PHE A 190 -10.40 25.40 6.51
N LEU A 191 -11.58 25.96 6.27
CA LEU A 191 -11.74 26.95 5.21
C LEU A 191 -10.84 28.15 5.45
N ALA A 192 -10.82 28.65 6.68
CA ALA A 192 -10.01 29.83 6.99
C ALA A 192 -8.52 29.53 6.78
N VAL A 193 -8.05 28.38 7.25
CA VAL A 193 -6.63 28.05 7.14
C VAL A 193 -6.23 27.92 5.68
N SER A 194 -7.03 27.20 4.89
CA SER A 194 -6.68 27.03 3.47
C SER A 194 -6.73 28.36 2.74
N LEU A 195 -7.72 29.21 3.06
CA LEU A 195 -7.79 30.52 2.43
C LEU A 195 -6.54 31.33 2.75
N PHE A 196 -6.06 31.26 3.98
CA PHE A 196 -4.81 31.94 4.32
C PHE A 196 -3.64 31.39 3.51
N GLU A 197 -3.58 30.07 3.34
CA GLU A 197 -2.44 29.48 2.64
C GLU A 197 -2.40 29.92 1.18
N GLU A 198 -3.53 29.79 0.46
CA GLU A 198 -3.54 30.26 -0.92
C GLU A 198 -3.62 31.79 -1.04
N TYR A 199 -3.80 32.52 0.06
CA TYR A 199 -3.52 33.95 0.01
C TYR A 199 -2.03 34.23 0.08
N ARG A 200 -1.30 33.41 0.84
CA ARG A 200 0.13 33.63 1.01
C ARG A 200 0.94 33.12 -0.18
N GLN A 201 0.44 32.16 -0.93
CA GLN A 201 1.20 31.53 -2.01
C GLN A 201 0.95 32.18 -3.38
N ARG A 202 0.27 33.33 -3.41
CA ARG A 202 -0.17 33.91 -4.68
C ARG A 202 1.00 34.31 -5.56
N HIS A 203 2.05 34.90 -4.97
CA HIS A 203 3.19 35.37 -5.75
C HIS A 203 3.86 34.21 -6.48
N TYR A 204 4.08 33.11 -5.77
CA TYR A 204 4.71 31.95 -6.38
C TYR A 204 3.80 31.32 -7.43
N ILE A 205 2.49 31.30 -7.19
CA ILE A 205 1.57 30.77 -8.20
C ILE A 205 1.66 31.59 -9.48
N HIS A 206 1.65 32.92 -9.34
CA HIS A 206 1.72 33.78 -10.52
C HIS A 206 3.05 33.62 -11.25
N VAL A 207 4.15 33.52 -10.51
CA VAL A 207 5.45 33.35 -11.15
C VAL A 207 5.51 32.01 -11.88
N ARG A 208 4.94 30.96 -11.28
CA ARG A 208 4.89 29.67 -11.93
C ARG A 208 4.12 29.75 -13.24
N PHE A 209 2.96 30.43 -13.22
CA PHE A 209 2.17 30.56 -14.43
C PHE A 209 2.95 31.29 -15.51
N LEU A 210 3.60 32.41 -15.15
CA LEU A 210 4.34 33.18 -16.14
C LEU A 210 5.50 32.37 -16.72
N LEU A 211 6.23 31.66 -15.86
CA LEU A 211 7.36 30.87 -16.33
C LEU A 211 6.91 29.74 -17.23
N GLU A 212 5.78 29.10 -16.90
CA GLU A 212 5.24 28.07 -17.78
C GLU A 212 4.84 28.66 -19.12
N ARG A 213 4.27 29.87 -19.10
CA ARG A 213 3.91 30.53 -20.35
C ARG A 213 5.14 30.80 -21.21
N TYR A 214 6.25 31.21 -20.59
CA TYR A 214 7.45 31.52 -21.36
C TYR A 214 8.02 30.27 -22.02
N TYR A 215 8.11 29.16 -21.28
CA TYR A 215 8.57 27.89 -21.85
C TYR A 215 7.43 27.10 -22.48
N GLY A 216 6.68 27.76 -23.37
CA GLY A 216 5.56 27.11 -24.01
C GLY A 216 5.97 26.18 -25.13
N LYS A 217 5.04 25.30 -25.51
CA LYS A 217 5.25 24.36 -26.60
C LYS A 217 4.08 24.41 -27.60
N ASN A 218 3.44 25.57 -27.71
CA ASN A 218 2.31 25.78 -28.61
C ASN A 218 1.18 24.78 -28.29
N ARG A 219 0.68 24.88 -27.06
CA ARG A 219 -0.36 23.99 -26.56
C ARG A 219 -1.71 24.47 -27.08
N GLU A 220 -2.14 23.90 -28.22
CA GLU A 220 -3.44 24.17 -28.81
C GLU A 220 -3.64 25.67 -29.05
N LEU A 221 -2.82 26.18 -29.96
CA LEU A 221 -2.81 27.61 -30.32
C LEU A 221 -4.22 28.10 -30.59
N GLU A 222 -4.68 29.04 -29.75
CA GLU A 222 -6.01 29.62 -29.88
C GLU A 222 -5.86 30.98 -30.58
N LYS A 223 -6.98 31.66 -30.83
CA LYS A 223 -6.96 32.94 -31.52
C LYS A 223 -6.09 33.96 -30.79
N LEU A 224 -5.61 34.94 -31.54
CA LEU A 224 -4.71 35.96 -31.03
C LEU A 224 -5.50 37.18 -30.59
N LEU A 225 -5.24 37.64 -29.37
CA LEU A 225 -5.95 38.78 -28.79
C LEU A 225 -4.94 39.91 -28.58
N PRO A 226 -5.14 41.08 -29.18
CA PRO A 226 -4.15 42.16 -29.05
C PRO A 226 -4.16 42.80 -27.68
N LEU A 227 -3.26 43.77 -27.47
CA LEU A 227 -3.13 44.45 -26.17
C LEU A 227 -2.55 45.82 -26.44
N THR A 228 -3.40 46.85 -26.40
CA THR A 228 -2.97 48.23 -26.59
C THR A 228 -2.57 48.84 -25.26
N VAL A 229 -1.32 49.28 -25.15
CA VAL A 229 -0.77 49.81 -23.91
C VAL A 229 0.06 51.04 -24.22
N LYS A 230 -0.03 52.04 -23.34
CA LYS A 230 0.80 53.23 -23.47
C LYS A 230 2.24 52.90 -23.05
N ALA A 231 3.18 53.67 -23.61
CA ALA A 231 4.60 53.47 -23.34
C ALA A 231 5.08 54.34 -22.18
N GLU A 232 4.42 54.22 -21.02
CA GLU A 232 4.80 54.98 -19.84
C GLU A 232 4.77 54.17 -18.56
N ASP A 233 4.57 52.86 -18.62
CA ASP A 233 4.49 52.01 -17.44
C ASP A 233 5.70 51.08 -17.37
N LYS A 234 5.68 50.16 -16.41
CA LYS A 234 6.73 49.16 -16.26
C LYS A 234 6.33 47.87 -16.95
N VAL A 235 7.34 47.14 -17.43
CA VAL A 235 7.08 45.96 -18.26
C VAL A 235 6.37 44.89 -17.44
N TYR A 236 6.70 44.78 -16.16
CA TYR A 236 5.99 43.83 -15.31
C TYR A 236 4.53 44.23 -15.14
N HIS A 237 4.21 45.50 -15.35
CA HIS A 237 2.83 45.97 -15.27
C HIS A 237 2.08 45.82 -16.59
N VAL A 238 2.76 45.49 -17.68
CA VAL A 238 2.08 45.28 -18.96
C VAL A 238 1.96 43.79 -19.21
N MET A 239 2.88 43.00 -18.64
CA MET A 239 2.74 41.55 -18.77
C MET A 239 1.70 40.98 -17.82
N ALA A 240 1.22 41.77 -16.85
CA ALA A 240 0.26 41.27 -15.88
C ALA A 240 -1.06 40.88 -16.53
N GLU A 241 -1.55 41.70 -17.45
CA GLU A 241 -2.85 41.47 -18.09
C GLU A 241 -2.70 40.44 -19.21
N PHE A 242 -2.41 39.20 -18.81
CA PHE A 242 -2.29 38.08 -19.71
C PHE A 242 -3.44 37.12 -19.46
N LYS A 243 -4.19 36.80 -20.52
CA LYS A 243 -5.28 35.84 -20.42
C LYS A 243 -4.73 34.42 -20.44
N ARG A 244 -5.62 33.46 -20.24
CA ARG A 244 -5.25 32.05 -20.19
C ARG A 244 -5.39 31.41 -21.56
N GLY A 245 -4.33 30.72 -22.01
CA GLY A 245 -4.35 30.03 -23.27
C GLY A 245 -4.51 30.93 -24.48
N CYS A 246 -3.83 32.07 -24.49
CA CYS A 246 -3.93 33.01 -25.59
C CYS A 246 -2.58 33.68 -25.81
N LYS A 247 -2.19 33.81 -27.08
CA LYS A 247 -0.99 34.53 -27.47
C LYS A 247 -1.36 35.97 -27.82
N HIS A 248 -0.67 36.93 -27.23
CA HIS A 248 -1.06 38.33 -27.34
C HIS A 248 -0.07 39.11 -28.19
N PRO A 249 -0.47 39.63 -29.35
CA PRO A 249 0.37 40.57 -30.10
C PRO A 249 0.31 41.95 -29.44
N ILE A 250 1.43 42.36 -28.85
CA ILE A 250 1.46 43.57 -28.03
C ILE A 250 1.53 44.79 -28.95
N ILE A 251 0.60 45.70 -28.79
CA ILE A 251 0.57 46.96 -29.52
C ILE A 251 0.93 48.08 -28.56
N ILE A 252 1.93 48.89 -28.92
CA ILE A 252 2.41 49.96 -28.08
C ILE A 252 1.88 51.29 -28.61
N GLU A 253 1.62 52.21 -27.69
CA GLU A 253 1.13 53.54 -28.01
C GLU A 253 2.14 54.56 -27.53
N LYS A 254 2.78 55.26 -28.47
CA LYS A 254 3.77 56.28 -28.16
C LYS A 254 3.10 57.64 -28.21
N SER A 255 2.86 58.23 -27.03
CA SER A 255 2.20 59.52 -26.91
C SER A 255 0.83 59.52 -27.60
N GLY A 256 0.11 58.41 -27.46
CA GLY A 256 -1.20 58.26 -28.07
C GLY A 256 -1.21 57.78 -29.49
N GLN A 257 -0.04 57.61 -30.11
CA GLN A 257 0.07 57.15 -31.49
C GLN A 257 0.73 55.78 -31.52
N LYS A 258 0.19 54.89 -32.36
CA LYS A 258 0.76 53.56 -32.51
C LYS A 258 2.17 53.64 -33.06
N LEU A 259 3.08 52.86 -32.49
CA LEU A 259 4.49 52.87 -32.88
C LEU A 259 4.91 51.57 -33.54
N SER A 260 4.72 50.43 -32.87
CA SER A 260 5.15 49.16 -33.42
C SER A 260 4.32 48.04 -32.79
N GLN A 261 4.32 46.89 -33.47
CA GLN A 261 3.65 45.69 -32.99
C GLN A 261 4.70 44.66 -32.62
N LEU A 262 4.63 44.15 -31.40
CA LEU A 262 5.61 43.20 -30.88
C LEU A 262 4.90 41.96 -30.35
N ASP A 263 5.46 40.79 -30.62
CA ASP A 263 4.93 39.55 -30.09
C ASP A 263 5.36 39.38 -28.63
N GLU A 264 4.66 38.48 -27.93
CA GLU A 264 4.97 38.23 -26.53
C GLU A 264 6.33 37.58 -26.37
N ASN A 265 6.79 36.86 -27.40
CA ASN A 265 8.02 36.08 -27.27
C ASN A 265 9.22 36.98 -27.02
N GLU A 266 9.40 38.02 -27.84
CA GLU A 266 10.59 38.85 -27.71
C GLU A 266 10.58 39.65 -26.40
N VAL A 267 9.43 40.21 -26.02
CA VAL A 267 9.38 41.00 -24.79
C VAL A 267 9.61 40.11 -23.58
N LEU A 268 9.01 38.91 -23.57
CA LEU A 268 9.18 38.04 -22.41
C LEU A 268 10.59 37.47 -22.34
N HIS A 269 11.21 37.21 -23.50
CA HIS A 269 12.59 36.77 -23.52
C HIS A 269 13.52 37.88 -23.03
N ALA A 270 13.24 39.13 -23.41
CA ALA A 270 14.05 40.24 -22.91
C ALA A 270 13.85 40.42 -21.41
N TYR A 271 12.65 40.11 -20.90
CA TYR A 271 12.42 40.25 -19.46
C TYR A 271 13.16 39.17 -18.67
N PHE A 272 13.05 37.91 -19.10
CA PHE A 272 13.69 36.83 -18.35
C PHE A 272 15.17 36.66 -18.70
N ALA A 273 15.46 36.32 -19.96
CA ALA A 273 16.82 35.95 -20.34
C ALA A 273 17.77 37.16 -20.28
N ASP A 274 17.32 38.31 -20.78
CA ASP A 274 18.19 39.48 -20.88
C ASP A 274 18.29 40.27 -19.59
N LYS A 275 17.62 39.83 -18.52
CA LYS A 275 17.76 40.39 -17.18
C LYS A 275 17.27 41.83 -17.08
N ARG A 276 16.46 42.29 -18.04
CA ARG A 276 15.89 43.63 -17.98
C ARG A 276 14.55 43.60 -17.24
N THR A 277 14.62 43.11 -16.00
CA THR A 277 13.42 42.93 -15.19
C THR A 277 12.98 44.19 -14.46
N ASN A 278 13.84 45.21 -14.40
CA ASN A 278 13.50 46.41 -13.64
C ASN A 278 13.91 47.67 -14.38
N SER A 279 14.19 47.60 -15.69
CA SER A 279 14.59 48.81 -16.41
C SER A 279 13.39 49.60 -16.93
N SER A 280 12.70 49.07 -17.94
CA SER A 280 11.64 49.80 -18.63
C SER A 280 11.04 48.88 -19.69
N MET A 281 10.10 49.42 -20.47
CA MET A 281 9.66 48.73 -21.68
C MET A 281 9.98 49.56 -22.92
N GLU A 282 10.20 50.87 -22.76
CA GLU A 282 10.31 51.73 -23.93
C GLU A 282 11.60 51.45 -24.72
N GLU A 283 12.71 51.20 -24.03
CA GLU A 283 13.96 50.92 -24.72
C GLU A 283 13.99 49.55 -25.37
N LEU A 284 13.00 48.70 -25.12
CA LEU A 284 12.92 47.40 -25.80
C LEU A 284 12.58 47.53 -27.28
N LEU A 285 12.13 48.71 -27.73
CA LEU A 285 11.93 48.91 -29.16
C LEU A 285 13.26 48.83 -29.91
N LEU A 286 14.31 49.41 -29.33
CA LEU A 286 15.66 49.38 -29.91
C LEU A 286 16.62 48.88 -28.84
N PRO A 287 16.63 47.58 -28.56
CA PRO A 287 17.55 47.05 -27.54
C PRO A 287 19.02 47.29 -27.86
N TYR A 288 19.39 47.28 -29.13
CA TYR A 288 20.77 47.52 -29.53
C TYR A 288 20.88 48.81 -30.33
N PHE B 11 -35.42 21.67 10.55
CA PHE B 11 -35.75 20.52 9.73
C PHE B 11 -34.69 19.44 9.83
N VAL B 12 -33.89 19.30 8.77
CA VAL B 12 -32.83 18.31 8.72
C VAL B 12 -31.48 18.89 9.12
N VAL B 13 -31.41 20.18 9.43
CA VAL B 13 -30.14 20.81 9.78
C VAL B 13 -29.61 20.26 11.09
N LYS B 14 -30.49 19.81 11.99
CA LYS B 14 -30.05 19.31 13.28
C LYS B 14 -29.17 18.07 13.14
N GLU B 15 -29.57 17.14 12.26
CA GLU B 15 -28.84 15.90 12.05
C GLU B 15 -28.15 15.98 10.68
N LEU B 16 -26.94 16.52 10.67
CA LEU B 16 -26.16 16.66 9.45
C LEU B 16 -24.69 16.45 9.75
N VAL B 17 -23.94 16.00 8.75
CA VAL B 17 -22.50 15.84 8.85
C VAL B 17 -21.87 16.52 7.64
N PHE B 18 -20.84 17.32 7.89
CA PHE B 18 -20.15 18.07 6.85
C PHE B 18 -18.83 17.39 6.53
N LEU B 19 -18.63 17.04 5.27
CA LEU B 19 -17.43 16.35 4.82
C LEU B 19 -16.82 17.10 3.65
N VAL B 20 -15.50 16.99 3.51
CA VAL B 20 -14.74 17.72 2.50
C VAL B 20 -14.04 16.71 1.60
N SER B 21 -14.05 16.99 0.29
CA SER B 21 -13.33 16.18 -0.68
C SER B 21 -12.89 17.11 -1.80
N TYR B 22 -11.63 17.52 -1.77
CA TYR B 22 -11.10 18.54 -2.67
C TYR B 22 -9.70 18.16 -3.11
N VAL B 23 -9.26 18.78 -4.20
CA VAL B 23 -7.89 18.63 -4.67
C VAL B 23 -7.08 19.83 -4.21
N LYS B 24 -5.97 19.55 -3.52
CA LYS B 24 -5.09 20.60 -3.02
C LYS B 24 -3.91 20.75 -3.98
N ASN B 25 -3.76 21.95 -4.55
CA ASN B 25 -2.71 22.22 -5.53
C ASN B 25 -1.49 22.79 -4.81
N ASN B 26 -0.42 22.00 -4.75
CA ASN B 26 0.81 22.48 -4.13
C ASN B 26 1.48 23.52 -5.01
N ALA B 27 2.13 24.49 -4.37
CA ALA B 27 2.87 25.50 -5.10
C ALA B 27 4.35 25.15 -5.24
N PHE B 28 4.91 24.44 -4.27
CA PHE B 28 6.31 24.04 -4.30
C PHE B 28 6.41 22.53 -4.38
N PRO B 29 6.70 21.97 -5.55
CA PRO B 29 6.87 20.50 -5.64
C PRO B 29 8.07 20.04 -4.83
N GLN B 30 7.97 18.80 -4.34
CA GLN B 30 9.03 18.25 -3.51
C GLN B 30 10.31 18.05 -4.32
N PRO B 31 11.46 18.10 -3.66
CA PRO B 31 12.73 17.87 -4.37
C PRO B 31 12.76 16.48 -5.01
N LEU B 32 13.36 16.41 -6.18
CA LEU B 32 13.40 15.20 -6.99
C LEU B 32 14.71 14.44 -6.76
N SER B 33 14.63 13.12 -6.85
CA SER B 33 15.75 12.24 -6.55
C SER B 33 16.76 12.27 -7.70
N SER B 34 17.85 11.51 -7.54
CA SER B 34 18.99 11.62 -8.46
C SER B 34 18.65 11.10 -9.85
N SER B 35 17.93 9.98 -9.94
CA SER B 35 17.73 9.32 -11.23
C SER B 35 16.99 10.23 -12.22
N GLU B 36 15.84 10.77 -11.79
CA GLU B 36 15.04 11.58 -12.71
C GLU B 36 15.72 12.90 -13.04
N GLU B 37 16.42 13.50 -12.07
CA GLU B 37 17.16 14.72 -12.40
C GLU B 37 18.34 14.41 -13.31
N LYS B 38 18.96 13.24 -13.15
CA LYS B 38 20.02 12.83 -14.05
C LYS B 38 19.51 12.68 -15.48
N LYS B 39 18.35 12.04 -15.65
CA LYS B 39 17.82 11.91 -17.00
C LYS B 39 17.36 13.25 -17.55
N TYR B 40 16.86 14.14 -16.69
CA TYR B 40 16.48 15.47 -17.13
C TYR B 40 17.70 16.25 -17.60
N LEU B 41 18.82 16.14 -16.90
CA LEU B 41 20.05 16.80 -17.35
C LEU B 41 20.60 16.14 -18.61
N GLU B 42 20.41 14.83 -18.78
CA GLU B 42 20.81 14.19 -20.02
C GLU B 42 20.02 14.75 -21.20
N LEU B 43 18.70 14.88 -21.03
CA LEU B 43 17.89 15.49 -22.07
C LEU B 43 18.26 16.96 -22.26
N MET B 44 18.65 17.64 -21.17
CA MET B 44 19.16 19.00 -21.25
C MET B 44 20.36 19.06 -22.20
N ALA B 45 21.28 18.12 -22.04
CA ALA B 45 22.42 18.01 -22.96
C ALA B 45 21.95 17.73 -24.38
N LYS B 46 20.93 16.88 -24.54
CA LYS B 46 20.34 16.69 -25.85
C LYS B 46 19.69 17.98 -26.36
N GLY B 47 19.01 18.70 -25.47
CA GLY B 47 18.41 19.98 -25.83
C GLY B 47 16.90 19.96 -25.86
N ASP B 48 16.27 20.53 -24.83
CA ASP B 48 14.82 20.58 -24.75
C ASP B 48 14.41 21.62 -23.72
N GLU B 49 13.46 22.49 -24.10
CA GLU B 49 12.99 23.52 -23.18
C GLU B 49 12.05 22.97 -22.11
N HIS B 50 11.32 21.89 -22.42
CA HIS B 50 10.40 21.31 -21.44
C HIS B 50 11.17 20.75 -20.25
N ALA B 51 12.36 20.20 -20.48
CA ALA B 51 13.20 19.75 -19.37
C ALA B 51 13.60 20.94 -18.49
N ARG B 52 13.93 22.07 -19.11
CA ARG B 52 14.23 23.28 -18.34
C ARG B 52 13.03 23.67 -17.49
N ASN B 53 11.85 23.68 -18.09
CA ASN B 53 10.63 24.05 -17.36
C ASN B 53 10.40 23.13 -16.18
N MET B 54 10.52 21.82 -16.40
CA MET B 54 10.28 20.85 -15.33
C MET B 54 11.30 21.02 -14.21
N LEU B 55 12.58 21.20 -14.55
CA LEU B 55 13.61 21.31 -13.53
C LEU B 55 13.43 22.58 -12.70
N ILE B 56 13.18 23.71 -13.37
CA ILE B 56 12.98 24.95 -12.62
C ILE B 56 11.72 24.88 -11.77
N GLU B 57 10.68 24.21 -12.28
CA GLU B 57 9.47 24.04 -11.48
C GLU B 57 9.76 23.23 -10.22
N HIS B 58 10.48 22.10 -10.37
CA HIS B 58 10.76 21.25 -9.22
C HIS B 58 11.77 21.85 -8.26
N ASN B 59 12.58 22.81 -8.71
CA ASN B 59 13.63 23.40 -7.88
C ASN B 59 13.34 24.86 -7.53
N LEU B 60 12.08 25.18 -7.24
CA LEU B 60 11.69 26.54 -6.90
C LEU B 60 11.64 26.78 -5.39
N ARG B 61 11.76 25.74 -4.56
CA ARG B 61 11.68 25.90 -3.12
C ARG B 61 12.87 26.69 -2.57
N LEU B 62 14.01 26.63 -3.26
CA LEU B 62 15.20 27.35 -2.80
C LEU B 62 14.97 28.85 -2.82
N VAL B 63 14.23 29.35 -3.81
CA VAL B 63 13.89 30.76 -3.84
C VAL B 63 13.10 31.13 -2.59
N ALA B 64 12.15 30.29 -2.21
CA ALA B 64 11.35 30.55 -1.02
C ALA B 64 12.21 30.60 0.23
N HIS B 65 13.13 29.64 0.38
CA HIS B 65 14.03 29.68 1.54
C HIS B 65 14.88 30.94 1.56
N ILE B 66 15.49 31.29 0.41
CA ILE B 66 16.38 32.44 0.39
C ILE B 66 15.62 33.72 0.72
N VAL B 67 14.44 33.89 0.13
CA VAL B 67 13.65 35.10 0.40
C VAL B 67 13.20 35.12 1.86
N LYS B 68 12.83 33.97 2.42
CA LYS B 68 12.39 33.93 3.81
C LYS B 68 13.51 34.32 4.75
N LYS B 69 14.72 33.80 4.54
CA LYS B 69 15.85 34.18 5.38
C LYS B 69 16.42 35.56 5.04
N PHE B 70 16.00 36.16 3.93
CA PHE B 70 16.47 37.49 3.54
C PHE B 70 15.45 38.57 3.82
N GLU B 71 14.68 38.42 4.91
CA GLU B 71 13.71 39.43 5.31
C GLU B 71 14.44 40.54 6.07
N ASN B 72 13.69 41.42 6.72
CA ASN B 72 14.24 42.55 7.48
C ASN B 72 15.05 43.49 6.60
N THR B 73 14.73 43.52 5.30
CA THR B 73 15.42 44.38 4.36
C THR B 73 14.62 45.63 3.99
N GLY B 74 13.29 45.59 4.06
CA GLY B 74 12.46 46.73 3.78
C GLY B 74 12.03 46.87 2.33
N GLU B 75 12.36 45.92 1.46
CA GLU B 75 11.96 45.98 0.08
C GLU B 75 10.63 45.24 -0.12
N ASP B 76 10.19 45.16 -1.37
CA ASP B 76 8.95 44.48 -1.71
C ASP B 76 9.18 42.98 -1.76
N ALA B 77 8.22 42.24 -2.31
CA ALA B 77 8.31 40.80 -2.47
C ALA B 77 8.37 40.35 -3.92
N GLU B 78 7.62 41.01 -4.80
CA GLU B 78 7.58 40.59 -6.20
C GLU B 78 8.96 40.69 -6.85
N ASP B 79 9.66 41.81 -6.62
CA ASP B 79 10.99 41.97 -7.19
C ASP B 79 11.97 40.95 -6.65
N LEU B 80 11.88 40.65 -5.34
CA LEU B 80 12.77 39.64 -4.76
C LEU B 80 12.51 38.27 -5.37
N ILE B 81 11.24 37.90 -5.55
CA ILE B 81 10.92 36.62 -6.15
C ILE B 81 11.41 36.57 -7.61
N SER B 82 11.23 37.65 -8.35
CA SER B 82 11.70 37.68 -9.73
C SER B 82 13.21 37.54 -9.82
N ILE B 83 13.94 38.24 -8.94
CA ILE B 83 15.39 38.13 -8.93
C ILE B 83 15.80 36.71 -8.56
N GLY B 84 15.12 36.12 -7.58
CA GLY B 84 15.44 34.74 -7.20
C GLY B 84 15.26 33.77 -8.35
N THR B 85 14.13 33.88 -9.07
CA THR B 85 13.88 32.92 -10.14
C THR B 85 14.79 33.15 -11.34
N ILE B 86 15.12 34.42 -11.65
CA ILE B 86 16.03 34.65 -12.77
C ILE B 86 17.43 34.16 -12.42
N GLY B 87 17.85 34.35 -11.17
CA GLY B 87 19.13 33.80 -10.76
C GLY B 87 19.13 32.28 -10.78
N LEU B 88 18.00 31.67 -10.42
CA LEU B 88 17.89 30.21 -10.51
C LEU B 88 18.03 29.74 -11.94
N ILE B 89 17.38 30.43 -12.88
CA ILE B 89 17.51 30.06 -14.29
C ILE B 89 18.96 30.20 -14.74
N LYS B 90 19.60 31.30 -14.36
CA LYS B 90 21.00 31.51 -14.73
C LYS B 90 21.89 30.39 -14.17
N GLY B 91 21.61 29.96 -12.94
CA GLY B 91 22.39 28.89 -12.34
C GLY B 91 22.20 27.56 -13.05
N ILE B 92 20.95 27.21 -13.36
CA ILE B 92 20.71 25.93 -14.03
C ILE B 92 21.32 25.91 -15.42
N GLU B 93 21.17 27.00 -16.19
CA GLU B 93 21.71 26.98 -17.54
C GLU B 93 23.24 26.94 -17.54
N SER B 94 23.87 27.36 -16.45
CA SER B 94 25.31 27.35 -16.32
C SER B 94 25.83 26.20 -15.48
N TYR B 95 24.98 25.22 -15.16
CA TYR B 95 25.38 24.12 -14.31
C TYR B 95 26.38 23.21 -15.01
N SER B 96 27.31 22.67 -14.25
CA SER B 96 28.31 21.73 -14.74
C SER B 96 28.50 20.63 -13.71
N ALA B 97 28.63 19.39 -14.19
CA ALA B 97 28.79 18.24 -13.31
C ALA B 97 30.23 18.00 -12.89
N GLY B 98 31.17 18.79 -13.40
CA GLY B 98 32.58 18.60 -13.06
C GLY B 98 33.12 19.45 -11.94
N LYS B 99 32.31 20.40 -11.43
CA LYS B 99 32.78 21.25 -10.34
C LYS B 99 33.04 20.44 -9.07
N GLY B 100 32.16 19.51 -8.75
CA GLY B 100 32.35 18.66 -7.58
C GLY B 100 31.55 19.11 -6.37
N THR B 101 30.29 19.49 -6.59
CA THR B 101 29.43 19.92 -5.51
C THR B 101 27.98 19.67 -5.89
N LYS B 102 27.11 19.70 -4.87
CA LYS B 102 25.70 19.41 -5.09
C LYS B 102 25.03 20.53 -5.88
N LEU B 103 24.02 20.17 -6.67
CA LEU B 103 23.30 21.15 -7.46
C LEU B 103 22.57 22.17 -6.57
N ALA B 104 21.99 21.70 -5.46
CA ALA B 104 21.25 22.59 -4.58
C ALA B 104 22.14 23.68 -4.00
N THR B 105 23.35 23.30 -3.57
CA THR B 105 24.28 24.29 -3.02
C THR B 105 24.68 25.32 -4.05
N TYR B 106 24.96 24.88 -5.28
CA TYR B 106 25.33 25.80 -6.35
C TYR B 106 24.18 26.75 -6.66
N ALA B 107 22.95 26.22 -6.70
CA ALA B 107 21.78 27.07 -6.94
C ALA B 107 21.59 28.09 -5.82
N ALA B 108 21.78 27.66 -4.57
CA ALA B 108 21.66 28.58 -3.46
C ALA B 108 22.71 29.68 -3.53
N ARG B 109 23.94 29.31 -3.90
CA ARG B 109 24.99 30.31 -4.04
C ARG B 109 24.65 31.30 -5.15
N CYS B 110 24.12 30.82 -6.27
CA CYS B 110 23.73 31.71 -7.36
C CYS B 110 22.61 32.66 -6.93
N ILE B 111 21.62 32.14 -6.21
CA ILE B 111 20.52 32.99 -5.76
C ILE B 111 21.03 34.05 -4.79
N GLU B 112 21.89 33.66 -3.86
CA GLU B 112 22.47 34.64 -2.94
C GLU B 112 23.28 35.69 -3.69
N ASN B 113 24.05 35.27 -4.70
CA ASN B 113 24.82 36.21 -5.50
C ASN B 113 23.92 37.21 -6.20
N GLU B 114 22.81 36.73 -6.78
CA GLU B 114 21.89 37.64 -7.47
C GLU B 114 21.23 38.61 -6.50
N ILE B 115 20.83 38.13 -5.32
CA ILE B 115 20.23 39.01 -4.33
C ILE B 115 21.23 40.07 -3.87
N LEU B 116 22.49 39.66 -3.66
CA LEU B 116 23.52 40.63 -3.27
C LEU B 116 23.76 41.65 -4.38
N MET B 117 23.72 41.21 -5.64
CA MET B 117 23.87 42.14 -6.75
C MET B 117 22.73 43.15 -6.77
N HIS B 118 21.51 42.68 -6.55
CA HIS B 118 20.37 43.59 -6.51
C HIS B 118 20.49 44.57 -5.35
N LEU B 119 20.94 44.08 -4.18
CA LEU B 119 21.11 44.96 -3.03
C LEU B 119 22.17 46.03 -3.31
N ARG B 120 23.28 45.63 -3.93
CA ARG B 120 24.31 46.60 -4.28
C ARG B 120 23.80 47.62 -5.29
N ALA B 121 23.02 47.17 -6.27
CA ALA B 121 22.44 48.09 -7.24
C ALA B 121 21.50 49.07 -6.58
N LEU B 122 20.67 48.60 -5.65
CA LEU B 122 19.75 49.48 -4.93
C LEU B 122 20.52 50.49 -4.08
N LYS B 123 21.59 50.04 -3.42
CA LYS B 123 22.42 50.94 -2.63
C LYS B 123 23.07 52.01 -3.50
N LYS B 124 23.55 51.62 -4.68
CA LYS B 124 24.14 52.58 -5.61
C LYS B 124 23.09 53.58 -6.09
N THR B 125 21.89 53.10 -6.42
CA THR B 125 20.82 54.01 -6.84
C THR B 125 20.40 54.94 -5.71
N LYS B 126 20.33 54.42 -4.48
CA LYS B 126 19.95 55.23 -3.33
C LYS B 126 21.14 56.02 -2.79
N MET C 1 11.61 -25.41 33.17
CA MET C 1 12.04 -24.45 34.17
C MET C 1 12.68 -23.23 33.51
N ASN C 2 13.22 -23.43 32.30
CA ASN C 2 13.90 -22.37 31.57
C ASN C 2 13.32 -22.22 30.17
N LYS C 3 12.78 -23.30 29.62
CA LYS C 3 12.26 -23.28 28.26
C LYS C 3 11.08 -22.31 28.14
N TRP C 4 10.19 -22.31 29.11
CA TRP C 4 8.99 -21.47 29.04
C TRP C 4 9.27 -20.00 29.34
N LEU C 5 10.48 -19.66 29.77
CA LEU C 5 10.77 -18.28 30.13
C LEU C 5 10.68 -17.35 28.92
N ASP C 6 11.22 -17.77 27.77
CA ASP C 6 11.12 -16.93 26.58
C ASP C 6 9.67 -16.85 26.10
N LEU C 7 8.93 -17.95 26.20
CA LEU C 7 7.51 -17.93 25.85
C LEU C 7 6.76 -16.91 26.70
N ILE C 8 7.12 -16.82 27.98
CA ILE C 8 6.54 -15.78 28.84
C ILE C 8 6.95 -14.40 28.35
N LEU C 9 8.24 -14.20 28.13
CA LEU C 9 8.75 -12.90 27.69
C LEU C 9 8.88 -12.82 26.16
N LYS C 10 7.83 -13.25 25.46
CA LYS C 10 7.78 -13.07 24.01
C LYS C 10 6.39 -12.64 23.53
N ILE C 11 5.58 -12.03 24.39
CA ILE C 11 4.24 -11.64 24.02
C ILE C 11 4.27 -10.30 23.29
N HIS C 12 3.64 -10.25 22.12
CA HIS C 12 3.52 -9.03 21.34
C HIS C 12 2.05 -8.69 21.16
N VAL C 13 1.74 -7.40 21.21
CA VAL C 13 0.36 -6.92 21.14
C VAL C 13 0.25 -5.84 20.06
N HIS C 14 -0.79 -5.94 19.24
CA HIS C 14 -1.02 -4.95 18.20
C HIS C 14 -1.47 -3.63 18.83
N PRO C 15 -0.96 -2.50 18.35
CA PRO C 15 -1.35 -1.20 18.94
C PRO C 15 -2.85 -0.93 18.87
N PHE C 16 -3.50 -1.37 17.79
CA PHE C 16 -4.95 -1.20 17.69
C PHE C 16 -5.66 -1.92 18.83
N LEU C 17 -5.12 -3.07 19.27
CA LEU C 17 -5.68 -3.74 20.44
C LEU C 17 -5.53 -2.87 21.68
N TRP C 18 -4.40 -2.18 21.82
CA TRP C 18 -4.23 -1.27 22.96
C TRP C 18 -5.28 -0.16 22.92
N ILE C 19 -5.50 0.43 21.75
CA ILE C 19 -6.48 1.51 21.63
C ILE C 19 -7.88 1.00 21.97
N ILE C 20 -8.24 -0.17 21.42
CA ILE C 20 -9.56 -0.73 21.67
C ILE C 20 -9.74 -1.04 23.16
N ALA C 21 -8.71 -1.62 23.80
CA ALA C 21 -8.82 -1.94 25.21
C ALA C 21 -8.96 -0.68 26.05
N ALA C 22 -8.18 0.36 25.75
CA ALA C 22 -8.28 1.60 26.52
C ALA C 22 -9.66 2.23 26.37
N LEU C 23 -10.17 2.28 25.14
CA LEU C 23 -11.50 2.88 24.94
C LEU C 23 -12.60 2.05 25.57
N GLY C 24 -12.48 0.72 25.53
CA GLY C 24 -13.46 -0.13 26.19
C GLY C 24 -13.45 0.03 27.69
N LEU C 25 -12.26 0.17 28.28
CA LEU C 25 -12.15 0.46 29.70
C LEU C 25 -12.80 1.81 30.01
N LEU C 26 -12.62 2.79 29.12
CA LEU C 26 -13.19 4.11 29.36
C LEU C 26 -14.72 4.08 29.32
N THR C 27 -15.30 3.51 28.27
CA THR C 27 -16.74 3.63 28.05
C THR C 27 -17.50 2.39 28.52
N GLY C 28 -17.38 2.10 29.82
CA GLY C 28 -18.24 1.11 30.43
C GLY C 28 -17.88 -0.34 30.22
N HIS C 29 -17.48 -0.69 28.99
CA HIS C 29 -17.22 -2.09 28.63
C HIS C 29 -15.95 -2.57 29.31
N MET C 30 -16.06 -2.83 30.61
CA MET C 30 -14.99 -3.41 31.41
C MET C 30 -15.22 -4.87 31.74
N LYS C 31 -16.47 -5.25 32.00
CA LYS C 31 -16.79 -6.63 32.31
C LYS C 31 -16.62 -7.56 31.11
N ALA C 32 -16.61 -7.01 29.90
CA ALA C 32 -16.50 -7.82 28.69
C ALA C 32 -15.07 -7.97 28.18
N LEU C 33 -14.25 -6.92 28.31
CA LEU C 33 -12.88 -6.98 27.80
C LEU C 33 -12.06 -8.04 28.54
N LEU C 34 -12.21 -8.11 29.87
CA LEU C 34 -11.43 -9.07 30.64
C LEU C 34 -11.78 -10.50 30.26
N CYS C 35 -13.06 -10.78 30.04
CA CYS C 35 -13.47 -12.14 29.67
C CYS C 35 -12.85 -12.56 28.35
N LEU C 36 -12.96 -11.70 27.33
CA LEU C 36 -12.40 -12.04 26.03
C LEU C 36 -10.89 -12.18 26.09
N LEU C 37 -10.21 -11.27 26.80
CA LEU C 37 -8.76 -11.35 26.91
C LEU C 37 -8.34 -12.64 27.60
N LEU C 38 -9.03 -13.00 28.69
CA LEU C 38 -8.69 -14.22 29.41
C LEU C 38 -8.91 -15.46 28.56
N ILE C 39 -10.04 -15.50 27.84
CA ILE C 39 -10.33 -16.66 27.00
C ILE C 39 -9.27 -16.80 25.91
N VAL C 40 -8.95 -15.70 25.23
CA VAL C 40 -7.98 -15.75 24.14
C VAL C 40 -6.60 -16.15 24.67
N LEU C 41 -6.18 -15.56 25.79
CA LEU C 41 -4.87 -15.88 26.35
C LEU C 41 -4.80 -17.35 26.76
N ILE C 42 -5.85 -17.87 27.40
CA ILE C 42 -5.85 -19.27 27.81
C ILE C 42 -5.76 -20.16 26.59
N HIS C 43 -6.52 -19.85 25.54
CA HIS C 43 -6.52 -20.70 24.35
C HIS C 43 -5.14 -20.67 23.67
N GLN C 44 -4.52 -19.49 23.61
CA GLN C 44 -3.19 -19.39 22.99
C GLN C 44 -2.14 -20.15 23.79
N LEU C 45 -2.15 -20.04 25.11
CA LEU C 45 -1.21 -20.82 25.91
C LEU C 45 -1.48 -22.31 25.81
N GLY C 46 -2.74 -22.70 25.66
CA GLY C 46 -3.05 -24.09 25.40
C GLY C 46 -2.44 -24.57 24.10
N HIS C 47 -2.51 -23.74 23.06
CA HIS C 47 -1.86 -24.08 21.80
C HIS C 47 -0.35 -24.19 21.97
N ALA C 48 0.25 -23.26 22.71
CA ALA C 48 1.72 -23.21 22.78
C ALA C 48 2.31 -24.29 23.67
N ALA C 49 1.57 -24.73 24.70
CA ALA C 49 2.13 -25.67 25.67
C ALA C 49 2.51 -26.99 25.02
N LEU C 50 1.64 -27.53 24.17
CA LEU C 50 1.97 -28.78 23.49
C LEU C 50 3.05 -28.58 22.44
N ALA C 51 3.06 -27.42 21.76
CA ALA C 51 4.08 -27.16 20.77
C ALA C 51 5.47 -27.13 21.39
N VAL C 52 5.62 -26.46 22.53
CA VAL C 52 6.93 -26.38 23.16
C VAL C 52 7.31 -27.72 23.78
N PHE C 53 6.33 -28.55 24.13
CA PHE C 53 6.63 -29.86 24.70
C PHE C 53 7.28 -30.77 23.67
N PHE C 54 6.81 -30.72 22.42
CA PHE C 54 7.38 -31.51 21.34
C PHE C 54 8.67 -30.90 20.79
N SER C 55 9.24 -29.91 21.47
CA SER C 55 10.49 -29.27 21.06
C SER C 55 10.38 -28.69 19.65
N TRP C 56 9.28 -27.99 19.40
CA TRP C 56 9.08 -27.31 18.13
C TRP C 56 9.87 -26.00 18.13
N ARG C 57 9.61 -25.15 17.14
CA ARG C 57 10.32 -23.88 16.97
C ARG C 57 9.29 -22.77 16.79
N ILE C 58 8.82 -22.21 17.91
CA ILE C 58 7.85 -21.12 17.87
C ILE C 58 8.60 -19.81 17.62
N LYS C 59 7.85 -18.80 17.17
CA LYS C 59 8.41 -17.48 16.93
C LYS C 59 7.86 -16.42 17.88
N ARG C 60 6.54 -16.25 17.92
CA ARG C 60 5.92 -15.13 18.60
C ARG C 60 4.48 -15.48 18.94
N VAL C 61 4.02 -15.02 20.09
CA VAL C 61 2.61 -15.14 20.44
C VAL C 61 1.98 -13.76 20.33
N PHE C 62 1.40 -13.48 19.16
CA PHE C 62 0.80 -12.18 18.90
C PHE C 62 -0.61 -12.12 19.47
N LEU C 63 -1.18 -10.92 19.47
CA LEU C 63 -2.57 -10.69 19.87
C LEU C 63 -3.20 -9.73 18.87
N LEU C 64 -3.83 -10.27 17.85
CA LEU C 64 -4.49 -9.46 16.84
C LEU C 64 -5.71 -8.77 17.44
N PRO C 65 -6.17 -7.68 16.81
CA PRO C 65 -7.41 -7.05 17.31
C PRO C 65 -8.62 -7.96 17.27
N PHE C 66 -8.59 -9.00 16.44
CA PHE C 66 -9.72 -9.93 16.32
C PHE C 66 -9.36 -11.36 16.72
N GLY C 67 -8.30 -11.55 17.48
CA GLY C 67 -7.92 -12.88 17.92
C GLY C 67 -6.45 -12.93 18.27
N GLY C 68 -5.92 -14.16 18.31
CA GLY C 68 -4.53 -14.36 18.67
C GLY C 68 -3.90 -15.43 17.80
N THR C 69 -2.59 -15.31 17.63
CA THR C 69 -1.81 -16.21 16.79
C THR C 69 -0.58 -16.68 17.55
N VAL C 70 -0.14 -17.89 17.25
CA VAL C 70 1.11 -18.46 17.78
C VAL C 70 1.88 -19.05 16.60
N GLU C 71 2.81 -18.26 16.06
CA GLU C 71 3.47 -18.61 14.81
C GLU C 71 4.55 -19.66 15.06
N VAL C 72 4.48 -20.77 14.32
CA VAL C 72 5.47 -21.82 14.39
C VAL C 72 6.07 -22.03 13.00
N GLU C 73 7.13 -22.82 12.93
CA GLU C 73 7.88 -23.06 11.70
C GLU C 73 7.93 -24.54 11.36
N GLU C 74 6.80 -25.25 11.48
CA GLU C 74 6.74 -26.67 11.18
C GLU C 74 5.52 -26.92 10.30
N HIS C 75 5.74 -27.03 8.99
CA HIS C 75 4.68 -27.35 8.04
C HIS C 75 5.17 -28.48 7.15
N GLY C 76 4.54 -29.65 7.29
CA GLY C 76 5.06 -30.84 6.62
C GLY C 76 6.36 -31.34 7.21
N ASN C 77 6.67 -30.95 8.44
CA ASN C 77 7.94 -31.30 9.08
C ASN C 77 7.82 -32.42 10.10
N ARG C 78 6.65 -32.61 10.69
CA ARG C 78 6.45 -33.59 11.74
C ARG C 78 5.31 -34.54 11.40
N PRO C 79 5.30 -35.75 11.96
CA PRO C 79 4.24 -36.71 11.62
C PRO C 79 2.86 -36.29 12.11
N LEU C 80 1.86 -37.13 11.83
CA LEU C 80 0.48 -36.77 12.12
C LEU C 80 0.23 -36.57 13.60
N LYS C 81 0.81 -37.44 14.44
CA LYS C 81 0.57 -37.36 15.87
C LYS C 81 1.04 -36.04 16.46
N GLU C 82 2.22 -35.57 16.05
CA GLU C 82 2.77 -34.34 16.61
C GLU C 82 1.90 -33.14 16.30
N GLU C 83 1.38 -33.05 15.07
CA GLU C 83 0.50 -31.94 14.72
C GLU C 83 -0.86 -32.08 15.39
N PHE C 84 -1.38 -33.30 15.48
CA PHE C 84 -2.69 -33.50 16.07
C PHE C 84 -2.70 -33.15 17.55
N ALA C 85 -1.64 -33.54 18.28
CA ALA C 85 -1.58 -33.26 19.71
C ALA C 85 -1.53 -31.77 20.01
N VAL C 86 -1.12 -30.95 19.05
CA VAL C 86 -1.12 -29.50 19.25
C VAL C 86 -2.43 -28.88 18.78
N ILE C 87 -2.97 -29.35 17.65
CA ILE C 87 -4.22 -28.80 17.15
C ILE C 87 -5.37 -29.08 18.10
N ILE C 88 -5.46 -30.31 18.62
CA ILE C 88 -6.58 -30.66 19.49
C ILE C 88 -6.49 -29.93 20.83
N ALA C 89 -5.30 -29.48 21.23
CA ALA C 89 -5.13 -28.81 22.51
C ALA C 89 -5.75 -27.42 22.53
N GLY C 90 -6.17 -26.90 21.38
CA GLY C 90 -6.83 -25.61 21.32
C GLY C 90 -8.25 -25.69 21.86
N PRO C 91 -9.13 -26.42 21.17
CA PRO C 91 -10.50 -26.62 21.64
C PRO C 91 -10.60 -27.66 22.76
N LEU C 92 -9.71 -27.56 23.74
CA LEU C 92 -9.75 -28.44 24.89
C LEU C 92 -9.46 -27.73 26.20
N GLN C 93 -9.26 -26.42 26.19
CA GLN C 93 -9.14 -25.65 27.42
C GLN C 93 -10.47 -25.07 27.85
N HIS C 94 -11.39 -24.86 26.91
CA HIS C 94 -12.71 -24.35 27.25
C HIS C 94 -13.45 -25.31 28.16
N ILE C 95 -13.16 -26.61 28.09
CA ILE C 95 -13.83 -27.58 28.97
C ILE C 95 -13.47 -27.30 30.43
N TRP C 96 -12.18 -27.14 30.72
CA TRP C 96 -11.80 -26.91 32.11
C TRP C 96 -12.13 -25.48 32.53
N LEU C 97 -12.17 -24.54 31.58
CA LEU C 97 -12.67 -23.20 31.91
C LEU C 97 -14.12 -23.26 32.36
N GLN C 98 -14.95 -24.02 31.63
CA GLN C 98 -16.36 -24.16 32.00
C GLN C 98 -16.49 -24.90 33.33
N PHE C 99 -15.66 -25.91 33.56
CA PHE C 99 -15.70 -26.63 34.83
C PHE C 99 -15.37 -25.70 35.99
N ALA C 100 -14.36 -24.84 35.81
CA ALA C 100 -14.03 -23.87 36.85
C ALA C 100 -15.17 -22.88 37.05
N ALA C 101 -15.79 -22.43 35.95
CA ALA C 101 -16.83 -21.41 36.06
C ALA C 101 -18.08 -21.94 36.75
N TRP C 102 -18.53 -23.14 36.37
CA TRP C 102 -19.76 -23.69 36.92
C TRP C 102 -19.64 -24.05 38.40
N MET C 103 -18.41 -24.07 38.94
CA MET C 103 -18.19 -24.23 40.37
C MET C 103 -17.91 -22.91 41.08
N LEU C 104 -17.26 -21.97 40.40
CA LEU C 104 -16.94 -20.69 41.02
C LEU C 104 -18.19 -19.82 41.14
N ALA C 105 -19.00 -19.77 40.08
CA ALA C 105 -20.22 -18.97 40.14
C ALA C 105 -21.30 -19.64 40.98
N GLU C 106 -21.36 -20.97 40.98
CA GLU C 106 -22.38 -21.66 41.75
C GLU C 106 -22.18 -21.49 43.26
N VAL C 107 -20.92 -21.32 43.70
CA VAL C 107 -20.64 -21.08 45.11
C VAL C 107 -20.86 -19.61 45.39
N SER C 108 -21.30 -18.87 44.38
CA SER C 108 -21.72 -17.46 44.50
C SER C 108 -20.59 -16.59 45.03
N VAL C 109 -19.54 -16.48 44.22
CA VAL C 109 -18.40 -15.63 44.54
C VAL C 109 -18.55 -14.24 43.94
N ILE C 110 -19.14 -14.13 42.75
CA ILE C 110 -19.21 -12.83 42.08
C ILE C 110 -20.65 -12.41 41.76
N HIS C 111 -21.33 -13.12 40.85
CA HIS C 111 -22.67 -12.72 40.43
C HIS C 111 -23.18 -13.72 39.39
N GLN C 112 -24.44 -13.59 38.96
CA GLN C 112 -25.03 -14.50 37.99
C GLN C 112 -24.90 -14.02 36.55
N HIS C 113 -25.20 -12.75 36.27
CA HIS C 113 -25.12 -12.25 34.90
C HIS C 113 -23.70 -12.33 34.36
N THR C 114 -22.69 -12.14 35.23
CA THR C 114 -21.32 -12.28 34.78
C THR C 114 -21.05 -13.70 34.30
N PHE C 115 -21.54 -14.70 35.05
CA PHE C 115 -21.40 -16.08 34.61
C PHE C 115 -22.14 -16.32 33.30
N GLU C 116 -23.34 -15.73 33.15
CA GLU C 116 -24.10 -15.92 31.92
C GLU C 116 -23.34 -15.38 30.72
N LEU C 117 -22.79 -14.17 30.85
CA LEU C 117 -22.00 -13.58 29.77
C LEU C 117 -20.76 -14.40 29.48
N PHE C 118 -20.07 -14.85 30.53
CA PHE C 118 -18.86 -15.67 30.34
C PHE C 118 -19.19 -16.94 29.58
N THR C 119 -20.26 -17.63 29.97
CA THR C 119 -20.65 -18.87 29.29
C THR C 119 -21.03 -18.60 27.85
N PHE C 120 -21.77 -17.52 27.60
CA PHE C 120 -22.16 -17.19 26.23
C PHE C 120 -20.93 -16.99 25.36
N TYR C 121 -20.01 -16.14 25.79
CA TYR C 121 -18.83 -15.86 24.97
C TYR C 121 -17.95 -17.10 24.81
N ASN C 122 -17.79 -17.88 25.88
CA ASN C 122 -16.95 -19.08 25.81
C ASN C 122 -17.50 -20.07 24.80
N LEU C 123 -18.80 -20.36 24.88
CA LEU C 123 -19.39 -21.33 23.95
C LEU C 123 -19.37 -20.79 22.53
N SER C 124 -19.61 -19.49 22.35
CA SER C 124 -19.57 -18.90 21.01
C SER C 124 -18.18 -19.06 20.40
N ILE C 125 -17.13 -18.78 21.19
CA ILE C 125 -15.77 -18.93 20.67
C ILE C 125 -15.50 -20.39 20.33
N LEU C 126 -15.95 -21.31 21.20
CA LEU C 126 -15.67 -22.73 20.96
C LEU C 126 -16.33 -23.22 19.68
N PHE C 127 -17.57 -22.81 19.42
CA PHE C 127 -18.24 -23.25 18.20
C PHE C 127 -17.87 -22.44 16.97
N VAL C 128 -17.23 -21.28 17.12
CA VAL C 128 -16.70 -20.60 15.94
C VAL C 128 -15.32 -21.15 15.58
N ASN C 129 -14.58 -21.67 16.55
CA ASN C 129 -13.25 -22.21 16.29
C ASN C 129 -13.28 -23.62 15.72
N LEU C 130 -14.41 -24.08 15.17
CA LEU C 130 -14.46 -25.44 14.62
C LEU C 130 -15.11 -25.48 13.24
N LEU C 131 -15.21 -24.34 12.55
CA LEU C 131 -15.71 -24.37 11.18
C LEU C 131 -14.67 -25.02 10.27
N PRO C 132 -15.07 -25.95 9.41
CA PRO C 132 -14.10 -26.63 8.54
C PRO C 132 -13.53 -25.71 7.47
N ILE C 133 -12.79 -24.70 7.89
CA ILE C 133 -12.19 -23.72 6.98
C ILE C 133 -10.74 -23.53 7.36
N TRP C 134 -9.86 -23.53 6.37
CA TRP C 134 -8.46 -23.25 6.62
C TRP C 134 -8.27 -21.78 6.98
N PRO C 135 -7.40 -21.46 7.95
CA PRO C 135 -6.71 -22.46 8.77
C PRO C 135 -7.56 -22.95 9.94
N LEU C 136 -8.24 -22.02 10.62
CA LEU C 136 -8.96 -22.24 11.87
C LEU C 136 -8.45 -23.44 12.66
N ASP C 137 -9.35 -24.27 13.16
CA ASP C 137 -8.97 -25.51 13.83
C ASP C 137 -9.64 -26.73 13.24
N GLY C 138 -10.93 -26.64 12.88
CA GLY C 138 -11.59 -27.77 12.26
C GLY C 138 -11.01 -28.09 10.90
N GLY C 139 -10.61 -27.05 10.15
CA GLY C 139 -10.05 -27.28 8.84
C GLY C 139 -8.78 -28.10 8.88
N LYS C 140 -7.93 -27.85 9.88
CA LYS C 140 -6.70 -28.62 9.99
C LYS C 140 -6.97 -30.06 10.42
N LEU C 141 -7.99 -30.28 11.24
CA LEU C 141 -8.39 -31.66 11.56
C LEU C 141 -8.88 -32.38 10.32
N LEU C 142 -9.67 -31.69 9.49
CA LEU C 142 -10.12 -32.29 8.23
C LEU C 142 -8.94 -32.59 7.31
N PHE C 143 -7.97 -31.68 7.26
CA PHE C 143 -6.77 -31.90 6.45
C PHE C 143 -5.99 -33.11 6.94
N LEU C 144 -5.86 -33.26 8.27
CA LEU C 144 -5.20 -34.45 8.82
C LEU C 144 -5.96 -35.71 8.45
N LEU C 145 -7.29 -35.66 8.53
CA LEU C 145 -8.09 -36.84 8.19
C LEU C 145 -7.90 -37.23 6.73
N PHE C 146 -7.88 -36.24 5.83
CA PHE C 146 -7.64 -36.53 4.42
C PHE C 146 -6.24 -37.08 4.19
N SER C 147 -5.24 -36.50 4.85
CA SER C 147 -3.85 -36.83 4.54
C SER C 147 -3.51 -38.27 4.86
N LYS C 148 -4.23 -38.89 5.80
CA LYS C 148 -3.86 -40.23 6.24
C LYS C 148 -4.24 -41.31 5.22
N GLN C 149 -5.23 -41.05 4.35
CA GLN C 149 -5.59 -42.02 3.32
C GLN C 149 -5.38 -41.53 1.90
N LEU C 150 -4.86 -40.33 1.70
CA LEU C 150 -4.72 -39.74 0.38
C LEU C 150 -3.30 -39.27 0.16
N PRO C 151 -2.86 -39.19 -1.10
CA PRO C 151 -1.55 -38.57 -1.37
C PRO C 151 -1.53 -37.11 -0.95
N PHE C 152 -0.34 -36.62 -0.63
CA PHE C 152 -0.22 -35.30 -0.02
C PHE C 152 -0.78 -34.21 -0.93
N GLN C 153 -0.47 -34.28 -2.23
CA GLN C 153 -1.01 -33.30 -3.17
C GLN C 153 -2.53 -33.37 -3.22
N LYS C 154 -3.09 -34.59 -3.25
CA LYS C 154 -4.54 -34.75 -3.30
C LYS C 154 -5.20 -34.16 -2.06
N ALA C 155 -4.61 -34.42 -0.88
CA ALA C 155 -5.17 -33.88 0.35
C ALA C 155 -5.09 -32.36 0.36
N HIS C 156 -3.94 -31.81 -0.02
CA HIS C 156 -3.76 -30.36 -0.01
C HIS C 156 -4.60 -29.67 -1.08
N ARG C 157 -5.09 -30.39 -2.09
CA ARG C 157 -5.99 -29.79 -3.05
C ARG C 157 -7.45 -29.90 -2.61
N LEU C 158 -7.85 -31.07 -2.11
CA LEU C 158 -9.24 -31.24 -1.67
C LEU C 158 -9.56 -30.38 -0.46
N ASN C 159 -8.62 -30.29 0.49
CA ASN C 159 -8.84 -29.41 1.64
C ASN C 159 -8.99 -27.97 1.18
N LEU C 160 -8.16 -27.54 0.23
CA LEU C 160 -8.25 -26.18 -0.29
C LEU C 160 -9.60 -25.93 -0.95
N LYS C 161 -10.08 -26.89 -1.75
CA LYS C 161 -11.36 -26.72 -2.42
C LYS C 161 -12.52 -26.66 -1.42
N THR C 162 -12.49 -27.53 -0.40
CA THR C 162 -13.54 -27.51 0.60
C THR C 162 -13.55 -26.21 1.39
N SER C 163 -12.36 -25.72 1.76
CA SER C 163 -12.28 -24.45 2.45
C SER C 163 -12.80 -23.32 1.57
N LEU C 164 -12.49 -23.36 0.27
CA LEU C 164 -12.98 -22.33 -0.64
C LEU C 164 -14.50 -22.33 -0.71
N CYS C 165 -15.11 -23.50 -0.87
CA CYS C 165 -16.57 -23.54 -1.00
C CYS C 165 -17.24 -23.10 0.30
N PHE C 166 -16.72 -23.54 1.45
CA PHE C 166 -17.28 -23.09 2.71
C PHE C 166 -17.10 -21.60 2.92
N CYS C 167 -15.97 -21.04 2.48
CA CYS C 167 -15.76 -19.60 2.59
C CYS C 167 -16.75 -18.82 1.74
N LEU C 168 -17.02 -19.30 0.52
CA LEU C 168 -18.04 -18.63 -0.30
C LEU C 168 -19.43 -18.74 0.34
N LEU C 169 -19.77 -19.90 0.91
CA LEU C 169 -21.06 -20.01 1.58
C LEU C 169 -21.15 -19.03 2.75
N LEU C 170 -20.10 -18.94 3.55
CA LEU C 170 -20.11 -18.01 4.68
C LEU C 170 -20.22 -16.57 4.20
N GLY C 171 -19.51 -16.22 3.13
CA GLY C 171 -19.59 -14.87 2.61
C GLY C 171 -20.97 -14.52 2.10
N CYS C 172 -21.60 -15.44 1.38
CA CYS C 172 -22.97 -15.21 0.92
C CYS C 172 -23.92 -15.01 2.09
N TRP C 173 -23.81 -15.88 3.11
CA TRP C 173 -24.69 -15.77 4.26
C TRP C 173 -24.48 -14.45 4.99
N VAL C 174 -23.23 -14.02 5.14
CA VAL C 174 -22.94 -12.80 5.88
C VAL C 174 -23.41 -11.57 5.11
N LEU C 175 -23.13 -11.52 3.81
CA LEU C 175 -23.42 -10.30 3.05
C LEU C 175 -24.91 -10.17 2.74
N PHE C 176 -25.58 -11.27 2.38
CA PHE C 176 -26.91 -11.16 1.78
C PHE C 176 -28.06 -11.35 2.76
N VAL C 177 -27.84 -11.98 3.92
CA VAL C 177 -28.92 -12.33 4.84
C VAL C 177 -28.78 -11.57 6.17
N ILE C 178 -27.69 -11.80 6.89
CA ILE C 178 -27.50 -11.24 8.23
C ILE C 178 -27.30 -9.73 8.11
N PRO C 179 -27.76 -8.93 9.09
CA PRO C 179 -27.43 -7.51 9.11
C PRO C 179 -25.94 -7.26 9.29
N LEU C 180 -25.54 -5.99 9.39
CA LEU C 180 -24.16 -5.55 9.24
C LEU C 180 -23.14 -6.45 9.94
N GLN C 181 -23.18 -6.51 11.27
CA GLN C 181 -22.37 -7.44 12.06
C GLN C 181 -20.91 -7.44 11.59
N ILE C 182 -20.24 -6.31 11.83
CA ILE C 182 -18.88 -6.09 11.34
C ILE C 182 -17.94 -7.23 11.72
N SER C 183 -18.20 -7.89 12.85
CA SER C 183 -17.38 -9.02 13.26
C SER C 183 -17.47 -10.18 12.29
N ALA C 184 -18.49 -10.24 11.44
CA ALA C 184 -18.57 -11.25 10.42
C ALA C 184 -17.86 -10.83 9.14
N TRP C 185 -17.97 -9.55 8.79
CA TRP C 185 -17.23 -9.05 7.62
C TRP C 185 -15.74 -9.19 7.81
N VAL C 186 -15.23 -8.85 9.01
CA VAL C 186 -13.80 -8.99 9.25
C VAL C 186 -13.38 -10.44 9.21
N LEU C 187 -14.21 -11.35 9.71
CA LEU C 187 -13.92 -12.77 9.63
C LEU C 187 -13.82 -13.22 8.17
N PHE C 188 -14.77 -12.79 7.34
CA PHE C 188 -14.75 -13.19 5.94
C PHE C 188 -13.51 -12.66 5.24
N VAL C 189 -13.16 -11.40 5.50
CA VAL C 189 -11.97 -10.82 4.86
C VAL C 189 -10.72 -11.56 5.28
N PHE C 190 -10.59 -11.85 6.57
CA PHE C 190 -9.42 -12.58 7.05
C PHE C 190 -9.33 -13.97 6.43
N LEU C 191 -10.47 -14.67 6.37
CA LEU C 191 -10.46 -16.00 5.79
C LEU C 191 -10.06 -15.96 4.32
N ALA C 192 -10.61 -15.01 3.56
CA ALA C 192 -10.26 -14.91 2.15
C ALA C 192 -8.78 -14.60 1.96
N VAL C 193 -8.24 -13.67 2.76
CA VAL C 193 -6.84 -13.30 2.62
C VAL C 193 -5.94 -14.49 2.94
N SER C 194 -6.23 -15.19 4.04
CA SER C 194 -5.40 -16.33 4.43
C SER C 194 -5.48 -17.44 3.39
N LEU C 195 -6.68 -17.69 2.86
CA LEU C 195 -6.84 -18.74 1.86
C LEU C 195 -6.08 -18.40 0.58
N PHE C 196 -6.15 -17.13 0.15
CA PHE C 196 -5.40 -16.73 -1.05
C PHE C 196 -3.90 -16.86 -0.82
N GLU C 197 -3.43 -16.46 0.36
CA GLU C 197 -2.00 -16.59 0.67
C GLU C 197 -1.57 -18.05 0.67
N GLU C 198 -2.40 -18.94 1.22
CA GLU C 198 -2.07 -20.36 1.20
C GLU C 198 -2.05 -20.90 -0.22
N TYR C 199 -2.98 -20.46 -1.06
CA TYR C 199 -2.99 -20.91 -2.45
C TYR C 199 -1.74 -20.44 -3.18
N ARG C 200 -1.29 -19.22 -2.91
CA ARG C 200 -0.14 -18.67 -3.63
C ARG C 200 1.15 -19.45 -3.36
N GLN C 201 1.18 -20.27 -2.32
CA GLN C 201 2.35 -21.07 -1.99
C GLN C 201 2.03 -22.56 -1.97
N ARG C 202 1.27 -23.01 -2.96
CA ARG C 202 0.88 -24.42 -3.05
C ARG C 202 1.99 -25.31 -3.59
N HIS C 203 3.21 -24.78 -3.71
CA HIS C 203 4.30 -25.49 -4.38
C HIS C 203 5.48 -25.77 -3.48
N TYR C 204 5.79 -24.85 -2.56
CA TYR C 204 6.96 -25.04 -1.70
C TYR C 204 6.72 -26.10 -0.64
N ILE C 205 5.45 -26.33 -0.29
CA ILE C 205 5.14 -27.33 0.72
C ILE C 205 5.56 -28.72 0.25
N HIS C 206 5.30 -29.03 -1.02
CA HIS C 206 5.66 -30.34 -1.56
C HIS C 206 7.18 -30.54 -1.54
N VAL C 207 7.94 -29.52 -1.95
CA VAL C 207 9.39 -29.67 -1.97
C VAL C 207 9.94 -29.75 -0.55
N ARG C 208 9.35 -29.02 0.39
CA ARG C 208 9.76 -29.17 1.79
C ARG C 208 9.49 -30.56 2.31
N PHE C 209 8.32 -31.12 1.94
CA PHE C 209 7.99 -32.48 2.35
C PHE C 209 9.00 -33.49 1.81
N LEU C 210 9.32 -33.39 0.51
CA LEU C 210 10.28 -34.30 -0.07
C LEU C 210 11.66 -34.14 0.55
N LEU C 211 12.08 -32.89 0.76
CA LEU C 211 13.39 -32.63 1.35
C LEU C 211 13.50 -33.23 2.76
N GLU C 212 12.45 -33.06 3.57
CA GLU C 212 12.45 -33.69 4.88
C GLU C 212 12.43 -35.22 4.77
N ARG C 213 11.75 -35.74 3.75
CA ARG C 213 11.72 -37.18 3.53
C ARG C 213 13.10 -37.73 3.21
N TYR C 214 13.95 -36.91 2.57
CA TYR C 214 15.27 -37.39 2.16
C TYR C 214 16.11 -37.80 3.36
N TYR C 215 16.11 -36.99 4.42
CA TYR C 215 17.09 -37.11 5.50
C TYR C 215 16.50 -37.77 6.74
N GLY C 216 15.65 -38.78 6.58
CA GLY C 216 15.17 -39.55 7.69
C GLY C 216 15.98 -40.83 7.83
N LYS C 217 16.63 -40.99 8.99
CA LYS C 217 17.52 -42.11 9.25
C LYS C 217 16.92 -42.95 10.38
N ASN C 218 16.35 -44.11 10.03
CA ASN C 218 15.75 -45.03 10.99
C ASN C 218 14.73 -44.29 11.87
N ARG C 219 13.90 -43.47 11.23
CA ARG C 219 12.92 -42.65 11.94
C ARG C 219 11.68 -43.48 12.32
N GLU C 220 11.92 -44.50 13.14
CA GLU C 220 10.86 -45.37 13.66
C GLU C 220 10.05 -45.98 12.51
N LEU C 221 10.73 -46.85 11.76
CA LEU C 221 10.16 -47.49 10.59
C LEU C 221 8.76 -48.01 10.88
N GLU C 222 7.90 -47.91 9.88
CA GLU C 222 6.46 -48.13 10.06
C GLU C 222 5.95 -48.95 8.88
N LYS C 223 4.63 -48.95 8.69
CA LYS C 223 3.98 -49.83 7.73
C LYS C 223 4.59 -49.70 6.34
N LEU C 224 4.84 -50.84 5.71
CA LEU C 224 5.41 -50.90 4.37
C LEU C 224 4.27 -51.06 3.37
N LEU C 225 4.18 -50.13 2.42
CA LEU C 225 3.05 -50.05 1.50
C LEU C 225 3.53 -50.28 0.06
N PRO C 226 3.29 -51.46 -0.50
CA PRO C 226 3.62 -51.68 -1.91
C PRO C 226 3.01 -50.61 -2.81
N LEU C 227 3.79 -50.18 -3.79
CA LEU C 227 3.35 -49.21 -4.78
C LEU C 227 3.81 -49.65 -6.16
N THR C 228 2.93 -49.56 -7.14
CA THR C 228 3.20 -50.04 -8.49
C THR C 228 2.83 -48.97 -9.50
N VAL C 229 3.75 -48.71 -10.44
CA VAL C 229 3.54 -47.76 -11.52
C VAL C 229 4.02 -48.38 -12.82
N LYS C 230 3.70 -47.72 -13.92
CA LYS C 230 4.14 -48.18 -15.24
C LYS C 230 5.60 -47.82 -15.45
N ALA C 231 6.08 -48.04 -16.68
CA ALA C 231 7.49 -47.85 -17.00
C ALA C 231 7.78 -46.48 -17.61
N GLU C 232 6.85 -45.92 -18.37
CA GLU C 232 7.09 -44.65 -19.05
C GLU C 232 6.68 -43.44 -18.23
N ASP C 233 6.12 -43.65 -17.04
CA ASP C 233 5.75 -42.52 -16.18
C ASP C 233 6.97 -41.71 -15.81
N LYS C 234 6.81 -40.39 -15.75
CA LYS C 234 7.93 -39.53 -15.37
C LYS C 234 8.24 -39.68 -13.89
N VAL C 235 9.45 -39.25 -13.52
CA VAL C 235 9.91 -39.44 -12.15
C VAL C 235 9.11 -38.56 -11.19
N TYR C 236 8.77 -37.34 -11.61
CA TYR C 236 7.99 -36.46 -10.74
C TYR C 236 6.59 -37.03 -10.50
N HIS C 237 5.98 -37.60 -11.53
CA HIS C 237 4.64 -38.17 -11.37
C HIS C 237 4.65 -39.34 -10.39
N VAL C 238 5.65 -40.21 -10.47
CA VAL C 238 5.71 -41.33 -9.54
C VAL C 238 6.06 -40.84 -8.13
N MET C 239 6.82 -39.75 -8.02
CA MET C 239 7.11 -39.21 -6.70
C MET C 239 5.94 -38.40 -6.13
N ALA C 240 4.94 -38.07 -6.95
CA ALA C 240 3.81 -37.28 -6.46
C ALA C 240 2.97 -38.08 -5.46
N GLU C 241 2.97 -39.41 -5.56
CA GLU C 241 2.15 -40.24 -4.70
C GLU C 241 2.99 -40.77 -3.52
N PHE C 242 3.21 -39.88 -2.56
CA PHE C 242 3.95 -40.19 -1.34
C PHE C 242 3.12 -39.69 -0.15
N LYS C 243 2.30 -40.58 0.41
CA LYS C 243 1.52 -40.21 1.59
C LYS C 243 2.41 -40.11 2.81
N ARG C 244 1.99 -39.31 3.79
CA ARG C 244 2.81 -39.02 4.94
C ARG C 244 2.99 -40.27 5.81
N GLY C 245 4.21 -40.43 6.33
CA GLY C 245 4.52 -41.51 7.25
C GLY C 245 4.38 -42.91 6.67
N CYS C 246 4.82 -43.10 5.42
CA CYS C 246 4.74 -44.42 4.79
C CYS C 246 5.95 -44.59 3.87
N LYS C 247 6.54 -45.77 3.91
CA LYS C 247 7.64 -46.14 3.02
C LYS C 247 7.08 -46.96 1.86
N HIS C 248 7.35 -46.52 0.63
CA HIS C 248 6.71 -47.08 -0.55
C HIS C 248 7.72 -47.76 -1.45
N PRO C 249 7.85 -49.09 -1.41
CA PRO C 249 8.57 -49.78 -2.49
C PRO C 249 7.88 -49.55 -3.82
N ILE C 250 8.68 -49.42 -4.88
CA ILE C 250 8.18 -49.11 -6.21
C ILE C 250 8.30 -50.36 -7.07
N ILE C 251 7.20 -50.71 -7.75
CA ILE C 251 7.18 -51.80 -8.71
C ILE C 251 6.91 -51.21 -10.08
N ILE C 252 7.83 -51.39 -11.01
CA ILE C 252 7.71 -50.84 -12.35
C ILE C 252 6.99 -51.85 -13.23
N GLU C 253 6.21 -51.34 -14.17
CA GLU C 253 5.42 -52.17 -15.09
C GLU C 253 5.79 -51.78 -16.51
N LYS C 254 6.54 -52.66 -17.19
CA LYS C 254 6.92 -52.44 -18.58
C LYS C 254 5.89 -53.06 -19.51
N SER C 255 4.68 -52.50 -19.47
CA SER C 255 3.55 -52.97 -20.26
C SER C 255 3.26 -54.45 -19.99
N GLY C 256 3.08 -54.78 -18.71
CA GLY C 256 2.77 -56.12 -18.27
C GLY C 256 3.95 -56.86 -17.67
N GLN C 257 5.17 -56.34 -17.82
CA GLN C 257 6.37 -56.97 -17.31
C GLN C 257 7.00 -56.10 -16.23
N LYS C 258 7.42 -56.73 -15.14
CA LYS C 258 8.07 -56.04 -14.04
C LYS C 258 9.52 -56.49 -13.96
N LEU C 259 10.44 -55.53 -13.94
CA LEU C 259 11.86 -55.86 -13.92
C LEU C 259 12.34 -56.20 -12.51
N SER C 260 12.28 -55.23 -11.60
CA SER C 260 12.74 -55.43 -10.24
C SER C 260 12.22 -54.30 -9.36
N GLN C 261 12.07 -54.59 -8.07
CA GLN C 261 11.64 -53.58 -7.11
C GLN C 261 12.77 -52.59 -6.86
N LEU C 262 12.40 -51.32 -6.68
CA LEU C 262 13.35 -50.25 -6.40
C LEU C 262 12.97 -49.60 -5.07
N ASP C 263 13.99 -49.36 -4.23
CA ASP C 263 13.75 -48.73 -2.95
C ASP C 263 13.41 -47.26 -3.12
N GLU C 264 12.58 -46.74 -2.22
CA GLU C 264 12.18 -45.34 -2.28
C GLU C 264 13.38 -44.42 -2.09
N ASN C 265 14.26 -44.73 -1.13
CA ASN C 265 15.44 -43.91 -0.91
C ASN C 265 16.34 -43.87 -2.13
N GLU C 266 16.39 -44.96 -2.90
CA GLU C 266 17.18 -44.97 -4.12
C GLU C 266 16.67 -43.95 -5.12
N VAL C 267 15.36 -43.94 -5.36
CA VAL C 267 14.77 -43.00 -6.31
C VAL C 267 14.96 -41.56 -5.83
N LEU C 268 14.73 -41.33 -4.54
CA LEU C 268 14.83 -39.97 -4.02
C LEU C 268 16.28 -39.47 -4.05
N HIS C 269 17.24 -40.35 -3.75
CA HIS C 269 18.64 -39.99 -3.88
C HIS C 269 19.02 -39.72 -5.33
N ALA C 270 18.47 -40.50 -6.27
CA ALA C 270 18.70 -40.22 -7.68
C ALA C 270 18.14 -38.85 -8.06
N TYR C 271 16.99 -38.48 -7.47
CA TYR C 271 16.42 -37.16 -7.72
C TYR C 271 17.36 -36.06 -7.24
N PHE C 272 17.79 -36.14 -5.97
CA PHE C 272 18.50 -35.01 -5.39
C PHE C 272 20.01 -35.07 -5.61
N ALA C 273 20.66 -36.13 -5.11
CA ALA C 273 22.13 -36.16 -5.14
C ALA C 273 22.66 -36.29 -6.56
N ASP C 274 22.29 -37.37 -7.26
CA ASP C 274 22.83 -37.64 -8.58
C ASP C 274 22.25 -36.75 -9.66
N LYS C 275 21.18 -36.00 -9.36
CA LYS C 275 20.55 -35.08 -10.32
C LYS C 275 20.11 -35.82 -11.58
N ARG C 276 19.69 -37.07 -11.42
CA ARG C 276 19.23 -37.89 -12.54
C ARG C 276 17.73 -37.78 -12.73
N THR C 277 17.24 -36.54 -12.85
CA THR C 277 15.82 -36.26 -12.95
C THR C 277 15.42 -36.04 -14.41
N ASN C 278 14.15 -35.66 -14.60
CA ASN C 278 13.59 -35.39 -15.93
C ASN C 278 13.77 -36.60 -16.85
N SER C 279 13.43 -37.78 -16.33
CA SER C 279 13.55 -39.01 -17.10
C SER C 279 12.55 -40.03 -16.55
N SER C 280 12.45 -41.15 -17.24
CA SER C 280 11.53 -42.21 -16.85
C SER C 280 12.28 -43.32 -16.10
N MET C 281 11.52 -44.34 -15.70
CA MET C 281 12.10 -45.43 -14.90
C MET C 281 13.13 -46.25 -15.66
N GLU C 282 13.09 -46.25 -16.99
CA GLU C 282 14.11 -46.97 -17.76
C GLU C 282 15.49 -46.39 -17.50
N GLU C 283 15.59 -45.06 -17.44
CA GLU C 283 16.89 -44.43 -17.16
C GLU C 283 17.41 -44.81 -15.79
N LEU C 284 16.54 -44.81 -14.78
CA LEU C 284 16.97 -45.18 -13.44
C LEU C 284 17.27 -46.67 -13.34
N LEU C 285 16.66 -47.49 -14.21
CA LEU C 285 16.94 -48.92 -14.17
C LEU C 285 18.38 -49.23 -14.56
N LEU C 286 18.91 -48.54 -15.56
CA LEU C 286 20.28 -48.75 -16.03
C LEU C 286 21.11 -47.52 -15.69
N PRO C 287 22.02 -47.53 -14.67
CA PRO C 287 22.72 -46.30 -14.33
C PRO C 287 23.97 -46.07 -15.20
N TYR C 288 24.89 -45.27 -14.68
CA TYR C 288 26.14 -44.93 -15.36
C TYR C 288 27.11 -46.11 -15.37
N PHE D 11 -32.45 -12.83 17.68
CA PHE D 11 -32.57 -13.26 19.07
C PHE D 11 -31.21 -13.57 19.66
N VAL D 12 -30.33 -14.15 18.85
CA VAL D 12 -28.96 -14.44 19.23
C VAL D 12 -27.96 -13.64 18.38
N VAL D 13 -28.25 -13.51 17.08
CA VAL D 13 -27.38 -12.74 16.21
C VAL D 13 -27.40 -11.27 16.65
N LYS D 14 -26.33 -10.55 16.30
CA LYS D 14 -26.02 -9.18 16.68
C LYS D 14 -25.50 -9.12 18.11
N GLU D 15 -25.09 -10.25 18.69
CA GLU D 15 -24.46 -10.25 20.01
C GLU D 15 -23.27 -11.21 20.06
N LEU D 16 -22.91 -11.81 18.92
CA LEU D 16 -21.79 -12.74 18.85
C LEU D 16 -20.51 -11.98 18.55
N VAL D 17 -19.44 -12.33 19.26
CA VAL D 17 -18.10 -11.84 18.96
C VAL D 17 -17.34 -13.03 18.39
N PHE D 18 -17.16 -13.05 17.08
CA PHE D 18 -16.64 -14.22 16.39
C PHE D 18 -15.22 -14.56 16.82
N LEU D 19 -14.26 -13.67 16.52
CA LEU D 19 -12.86 -13.85 16.86
C LEU D 19 -12.25 -15.10 16.25
N VAL D 20 -10.93 -15.25 16.34
CA VAL D 20 -10.22 -16.40 15.82
C VAL D 20 -9.10 -16.78 16.78
N SER D 21 -8.70 -18.05 16.71
CA SER D 21 -7.52 -18.53 17.43
C SER D 21 -6.92 -19.67 16.62
N TYR D 22 -5.93 -19.36 15.79
CA TYR D 22 -5.31 -20.33 14.91
C TYR D 22 -3.81 -20.42 15.20
N VAL D 23 -3.09 -21.17 14.37
CA VAL D 23 -1.69 -21.45 14.64
C VAL D 23 -0.75 -20.85 13.59
N LYS D 24 -1.21 -20.58 12.38
CA LYS D 24 -0.42 -19.86 11.36
C LYS D 24 0.88 -20.61 11.04
N ASN D 25 0.71 -21.77 10.42
CA ASN D 25 1.86 -22.56 9.96
C ASN D 25 2.55 -21.83 8.83
N ASN D 26 3.73 -21.25 9.12
CA ASN D 26 4.48 -20.56 8.09
C ASN D 26 5.25 -21.55 7.21
N ALA D 27 5.81 -21.02 6.12
CA ALA D 27 6.60 -21.82 5.20
C ALA D 27 8.01 -21.28 5.00
N PHE D 28 8.32 -20.08 5.48
CA PHE D 28 9.63 -19.48 5.32
C PHE D 28 10.28 -19.26 6.68
N PRO D 29 11.21 -20.12 7.10
CA PRO D 29 11.84 -19.93 8.41
C PRO D 29 12.67 -18.66 8.47
N GLN D 30 12.91 -18.19 9.70
CA GLN D 30 13.69 -16.99 9.90
C GLN D 30 15.16 -17.23 9.57
N PRO D 31 15.90 -16.19 9.15
CA PRO D 31 17.32 -16.37 8.88
C PRO D 31 18.09 -16.75 10.13
N LEU D 32 19.11 -17.59 9.95
CA LEU D 32 19.92 -18.02 11.07
C LEU D 32 20.83 -16.88 11.53
N SER D 33 21.23 -16.93 12.80
CA SER D 33 22.01 -15.87 13.40
C SER D 33 23.42 -15.85 12.83
N SER D 34 24.25 -14.93 13.31
CA SER D 34 25.64 -14.81 12.87
C SER D 34 26.60 -15.60 13.74
N SER D 35 26.10 -16.27 14.79
CA SER D 35 26.93 -17.04 15.69
C SER D 35 26.68 -18.55 15.59
N GLU D 36 25.41 -18.96 15.47
CA GLU D 36 25.10 -20.37 15.36
C GLU D 36 25.55 -20.96 14.02
N GLU D 37 25.86 -20.11 13.03
CA GLU D 37 26.27 -20.62 11.73
C GLU D 37 27.60 -21.36 11.82
N LYS D 38 28.55 -20.83 12.58
CA LYS D 38 29.83 -21.51 12.74
C LYS D 38 29.65 -22.85 13.44
N LYS D 39 28.80 -22.88 14.48
CA LYS D 39 28.55 -24.13 15.18
C LYS D 39 27.90 -25.17 14.27
N TYR D 40 26.92 -24.73 13.47
CA TYR D 40 26.27 -25.65 12.54
C TYR D 40 27.27 -26.17 11.50
N LEU D 41 28.14 -25.29 11.00
CA LEU D 41 29.13 -25.71 10.01
C LEU D 41 30.10 -26.72 10.61
N GLU D 42 30.54 -26.47 11.85
CA GLU D 42 31.42 -27.41 12.52
C GLU D 42 30.74 -28.75 12.73
N LEU D 43 29.47 -28.73 13.14
CA LEU D 43 28.73 -29.98 13.34
C LEU D 43 28.60 -30.75 12.03
N MET D 44 28.33 -30.04 10.94
CA MET D 44 28.27 -30.70 9.63
C MET D 44 29.64 -31.27 9.25
N ALA D 45 30.71 -30.54 9.56
CA ALA D 45 32.05 -31.02 9.24
C ALA D 45 32.38 -32.31 9.99
N LYS D 46 32.03 -32.37 11.28
CA LYS D 46 32.26 -33.58 12.05
C LYS D 46 31.35 -34.72 11.62
N GLY D 47 30.29 -34.42 10.86
CA GLY D 47 29.38 -35.44 10.39
C GLY D 47 28.01 -35.36 11.03
N ASP D 48 27.06 -34.78 10.30
CA ASP D 48 25.69 -34.64 10.78
C ASP D 48 24.77 -34.40 9.58
N GLU D 49 23.49 -34.63 9.79
CA GLU D 49 22.48 -34.45 8.74
C GLU D 49 21.37 -33.50 9.14
N HIS D 50 20.95 -33.52 10.41
CA HIS D 50 19.96 -32.55 10.87
C HIS D 50 20.48 -31.13 10.76
N ALA D 51 21.79 -30.95 10.96
CA ALA D 51 22.39 -29.64 10.73
C ALA D 51 22.26 -29.23 9.27
N ARG D 52 22.46 -30.17 8.35
CA ARG D 52 22.29 -29.87 6.94
C ARG D 52 20.84 -29.50 6.63
N ASN D 53 19.88 -30.22 7.23
CA ASN D 53 18.48 -29.89 7.05
C ASN D 53 18.18 -28.48 7.51
N MET D 54 18.64 -28.14 8.73
CA MET D 54 18.37 -26.81 9.27
C MET D 54 19.05 -25.73 8.43
N LEU D 55 20.22 -26.02 7.85
CA LEU D 55 20.91 -25.04 7.05
C LEU D 55 20.26 -24.84 5.68
N ILE D 56 19.72 -25.90 5.08
CA ILE D 56 19.11 -25.77 3.75
C ILE D 56 17.62 -25.44 3.82
N GLU D 57 17.02 -25.46 5.01
CA GLU D 57 15.64 -25.01 5.18
C GLU D 57 15.55 -23.55 5.57
N HIS D 58 16.56 -23.01 6.24
CA HIS D 58 16.56 -21.61 6.63
C HIS D 58 16.79 -20.66 5.46
N ASN D 59 17.38 -21.15 4.38
CA ASN D 59 17.72 -20.31 3.23
C ASN D 59 16.85 -20.59 2.01
N LEU D 60 15.60 -20.99 2.24
CA LEU D 60 14.71 -21.31 1.13
C LEU D 60 14.19 -20.09 0.39
N ARG D 61 14.18 -18.92 1.03
CA ARG D 61 13.61 -17.73 0.39
C ARG D 61 14.41 -17.30 -0.82
N LEU D 62 15.69 -17.67 -0.88
CA LEU D 62 16.50 -17.32 -2.05
C LEU D 62 15.95 -18.00 -3.30
N VAL D 63 15.51 -19.24 -3.18
CA VAL D 63 14.91 -19.93 -4.32
C VAL D 63 13.74 -19.13 -4.86
N ALA D 64 12.86 -18.68 -3.96
CA ALA D 64 11.75 -17.84 -4.39
C ALA D 64 12.22 -16.55 -5.03
N HIS D 65 13.24 -15.92 -4.44
CA HIS D 65 13.71 -14.63 -4.94
C HIS D 65 14.20 -14.73 -6.39
N ILE D 66 15.07 -15.70 -6.66
CA ILE D 66 15.57 -15.84 -8.03
C ILE D 66 14.48 -16.37 -8.98
N VAL D 67 13.65 -17.32 -8.52
CA VAL D 67 12.65 -17.89 -9.42
C VAL D 67 11.63 -16.83 -9.84
N LYS D 68 11.28 -15.92 -8.93
CA LYS D 68 10.34 -14.86 -9.27
C LYS D 68 10.90 -13.98 -10.39
N LYS D 69 12.20 -13.74 -10.39
CA LYS D 69 12.81 -12.90 -11.42
C LYS D 69 12.72 -13.55 -12.79
N PHE D 70 12.83 -14.88 -12.85
CA PHE D 70 12.85 -15.61 -14.11
C PHE D 70 11.46 -15.97 -14.62
N GLU D 71 10.40 -15.52 -13.93
CA GLU D 71 9.05 -15.85 -14.35
C GLU D 71 8.67 -15.08 -15.61
N ASN D 72 7.42 -15.26 -16.04
CA ASN D 72 6.90 -14.63 -17.26
C ASN D 72 7.73 -15.00 -18.49
N THR D 73 8.29 -16.22 -18.49
CA THR D 73 9.09 -16.70 -19.60
C THR D 73 8.51 -17.99 -20.19
N GLY D 74 7.24 -18.27 -19.94
CA GLY D 74 6.62 -19.50 -20.39
C GLY D 74 7.20 -20.74 -19.76
N GLU D 75 7.49 -20.71 -18.47
CA GLU D 75 8.07 -21.84 -17.75
C GLU D 75 7.24 -22.13 -16.51
N ASP D 76 7.02 -23.41 -16.25
CA ASP D 76 6.27 -23.81 -15.06
C ASP D 76 7.11 -23.62 -13.81
N ALA D 77 6.42 -23.45 -12.68
CA ALA D 77 7.10 -23.23 -11.41
C ALA D 77 7.73 -24.51 -10.86
N GLU D 78 7.19 -25.68 -11.23
CA GLU D 78 7.70 -26.94 -10.68
C GLU D 78 9.16 -27.14 -11.03
N ASP D 79 9.49 -27.04 -12.32
CA ASP D 79 10.87 -27.25 -12.75
C ASP D 79 11.78 -26.17 -12.18
N LEU D 80 11.33 -24.92 -12.17
CA LEU D 80 12.16 -23.84 -11.66
C LEU D 80 12.51 -24.07 -10.20
N ILE D 81 11.52 -24.44 -9.38
CA ILE D 81 11.79 -24.66 -7.96
C ILE D 81 12.65 -25.90 -7.76
N SER D 82 12.43 -26.94 -8.57
CA SER D 82 13.25 -28.15 -8.44
C SER D 82 14.72 -27.83 -8.71
N ILE D 83 15.00 -27.13 -9.81
CA ILE D 83 16.38 -26.78 -10.13
C ILE D 83 16.94 -25.82 -9.09
N GLY D 84 16.10 -24.92 -8.56
CA GLY D 84 16.59 -24.02 -7.53
C GLY D 84 17.04 -24.74 -6.28
N THR D 85 16.23 -25.69 -5.80
CA THR D 85 16.61 -26.47 -4.63
C THR D 85 17.83 -27.33 -4.91
N ILE D 86 17.90 -27.92 -6.11
CA ILE D 86 19.07 -28.71 -6.47
C ILE D 86 20.32 -27.86 -6.46
N GLY D 87 20.23 -26.65 -7.01
CA GLY D 87 21.37 -25.74 -7.00
C GLY D 87 21.78 -25.33 -5.61
N LEU D 88 20.80 -25.06 -4.74
CA LEU D 88 21.15 -24.69 -3.37
C LEU D 88 21.84 -25.83 -2.64
N ILE D 89 21.34 -27.06 -2.80
CA ILE D 89 21.96 -28.19 -2.12
C ILE D 89 23.35 -28.46 -2.69
N LYS D 90 23.54 -28.26 -4.01
CA LYS D 90 24.86 -28.42 -4.60
C LYS D 90 25.82 -27.37 -4.07
N GLY D 91 25.37 -26.12 -3.96
CA GLY D 91 26.24 -25.05 -3.47
C GLY D 91 26.64 -25.26 -2.02
N ILE D 92 25.68 -25.60 -1.17
CA ILE D 92 25.99 -25.82 0.24
C ILE D 92 26.84 -27.07 0.41
N GLU D 93 26.67 -28.06 -0.47
CA GLU D 93 27.46 -29.28 -0.40
C GLU D 93 28.93 -29.03 -0.68
N SER D 94 29.27 -27.95 -1.40
CA SER D 94 30.64 -27.66 -1.80
C SER D 94 30.98 -26.20 -1.51
N TYR D 95 30.68 -25.75 -0.29
CA TYR D 95 30.97 -24.39 0.14
C TYR D 95 32.19 -24.40 1.05
N SER D 96 33.13 -23.50 0.78
CA SER D 96 34.34 -23.35 1.57
C SER D 96 34.32 -22.02 2.30
N ALA D 97 34.51 -22.07 3.62
CA ALA D 97 34.49 -20.87 4.46
C ALA D 97 35.87 -20.24 4.63
N GLY D 98 36.91 -20.81 4.00
CA GLY D 98 38.24 -20.24 4.15
C GLY D 98 38.38 -18.87 3.54
N LYS D 99 37.73 -18.65 2.39
CA LYS D 99 37.83 -17.36 1.72
C LYS D 99 37.23 -16.25 2.57
N GLY D 100 35.99 -16.42 3.03
CA GLY D 100 35.33 -15.41 3.83
C GLY D 100 34.36 -14.58 3.01
N THR D 101 33.08 -14.93 3.07
CA THR D 101 32.03 -14.25 2.32
C THR D 101 30.69 -14.69 2.89
N LYS D 102 29.72 -13.78 2.88
CA LYS D 102 28.38 -14.11 3.34
C LYS D 102 27.81 -15.25 2.51
N LEU D 103 27.24 -16.25 3.21
CA LEU D 103 26.75 -17.44 2.53
C LEU D 103 25.60 -17.14 1.59
N ALA D 104 24.87 -16.05 1.84
CA ALA D 104 23.73 -15.71 0.99
C ALA D 104 24.19 -15.42 -0.44
N THR D 105 25.27 -14.66 -0.60
CA THR D 105 25.75 -14.34 -1.94
C THR D 105 26.23 -15.59 -2.66
N TYR D 106 26.95 -16.47 -1.95
CA TYR D 106 27.41 -17.72 -2.55
C TYR D 106 26.24 -18.57 -3.02
N ALA D 107 25.22 -18.71 -2.17
CA ALA D 107 24.05 -19.50 -2.53
C ALA D 107 23.32 -18.88 -3.71
N ALA D 108 23.18 -17.56 -3.72
CA ALA D 108 22.48 -16.88 -4.82
C ALA D 108 23.22 -17.08 -6.14
N ARG D 109 24.55 -16.93 -6.12
CA ARG D 109 25.31 -17.16 -7.34
C ARG D 109 25.19 -18.61 -7.80
N CYS D 110 25.24 -19.55 -6.88
CA CYS D 110 25.13 -20.96 -7.24
C CYS D 110 23.78 -21.26 -7.89
N ILE D 111 22.69 -20.78 -7.28
CA ILE D 111 21.37 -21.11 -7.82
C ILE D 111 21.15 -20.40 -9.16
N GLU D 112 21.63 -19.14 -9.27
CA GLU D 112 21.49 -18.44 -10.55
C GLU D 112 22.25 -19.15 -11.65
N ASN D 113 23.47 -19.60 -11.37
CA ASN D 113 24.23 -20.35 -12.36
C ASN D 113 23.54 -21.65 -12.73
N GLU D 114 22.97 -22.35 -11.75
CA GLU D 114 22.31 -23.62 -12.04
C GLU D 114 21.09 -23.41 -12.93
N ILE D 115 20.26 -22.40 -12.62
CA ILE D 115 19.09 -22.14 -13.45
C ILE D 115 19.50 -21.66 -14.84
N LEU D 116 20.55 -20.86 -14.94
CA LEU D 116 21.02 -20.42 -16.26
C LEU D 116 21.49 -21.61 -17.08
N MET D 117 22.23 -22.53 -16.46
CA MET D 117 22.69 -23.72 -17.17
C MET D 117 21.52 -24.58 -17.62
N HIS D 118 20.51 -24.76 -16.75
CA HIS D 118 19.34 -25.53 -17.14
C HIS D 118 18.60 -24.88 -18.30
N LEU D 119 18.45 -23.55 -18.25
CA LEU D 119 17.77 -22.85 -19.33
C LEU D 119 18.53 -22.96 -20.64
N ARG D 120 19.86 -22.85 -20.57
CA ARG D 120 20.68 -23.00 -21.78
C ARG D 120 20.55 -24.40 -22.35
N ALA D 121 20.57 -25.42 -21.48
CA ALA D 121 20.40 -26.80 -21.95
C ALA D 121 19.04 -27.00 -22.59
N LEU D 122 17.99 -26.45 -21.98
CA LEU D 122 16.64 -26.59 -22.56
C LEU D 122 16.54 -25.88 -23.90
N LYS D 123 17.16 -24.70 -24.02
CA LYS D 123 17.15 -23.99 -25.30
C LYS D 123 17.92 -24.75 -26.36
N LYS D 124 19.06 -25.34 -26.00
CA LYS D 124 19.81 -26.15 -26.95
C LYS D 124 19.04 -27.40 -27.35
N THR D 125 18.24 -27.95 -26.44
CA THR D 125 17.42 -29.11 -26.79
C THR D 125 16.40 -28.76 -27.86
N LYS D 126 15.80 -27.57 -27.77
CA LYS D 126 14.84 -27.13 -28.77
C LYS D 126 15.54 -26.72 -30.05
C1 LMN E . -26.29 9.91 12.89
O1 LMN E . -25.34 10.65 13.48
C2 LMN E . -27.64 10.14 13.60
O2 LMN E . -28.61 10.49 12.63
C3 LMN E . -28.10 8.91 14.31
O3 LMN E . -27.07 8.50 15.27
C4 LMN E . -28.32 7.81 13.38
O4 LMN E . -29.41 8.21 12.43
C5 LMN E . -27.08 7.52 12.62
O5 LMN E . -25.95 8.42 12.98
C6 LMN E . -26.68 6.09 12.89
O6 LMN E . -27.83 5.28 12.95
CAA LMN E . -13.12 15.87 14.69
CAB LMN E . -14.06 9.25 7.60
OAI LMN E . -32.37 4.88 13.47
OAJ LMN E . -24.93 9.84 24.53
OAL LMN E . -27.88 9.94 18.66
OAN LMN E . -23.57 13.55 20.66
OAP LMN E . -23.34 11.18 19.12
OAQ LMN E . -32.74 4.98 9.82
OAR LMN E . -25.99 12.06 26.51
OAS LMN E . -33.53 7.63 10.39
OAT LMN E . -24.76 14.31 25.43
OAU LMN E . -31.42 9.23 11.49
OAV LMN E . -26.39 14.96 22.83
CAW LMN E . -13.83 15.07 13.56
CAX LMN E . -15.47 9.69 8.03
CAY LMN E . -15.17 15.81 13.18
CAZ LMN E . -15.43 10.27 9.47
CBA LMN E . -16.15 14.78 12.56
CBB LMN E . -16.91 10.46 9.98
CBC LMN E . -17.60 15.21 12.88
CBD LMN E . -16.91 10.68 11.54
CBE LMN E . -18.40 13.96 13.37
CBF LMN E . -18.04 9.85 12.21
CBG LMN E . -19.75 14.40 14.03
CBH LMN E . -19.27 9.70 11.24
CBI LMN E . -20.96 13.59 13.35
CBJ LMN E . -20.43 9.00 12.01
CBK LMN E . -21.99 13.14 14.47
CBL LMN E . -21.52 10.07 12.47
CBM LMN E . -31.23 4.37 12.83
CBN LMN E . -26.32 9.91 24.23
CBP LMN E . -26.59 10.34 19.07
CBQ LMN E . -23.08 12.19 13.81
CBR LMN E . -21.63 10.05 14.03
CBS LMN E . -24.26 9.84 14.09
CBT LMN E . -22.94 10.96 16.11
OBV LMN E . -24.27 10.98 16.70
OBX LMN E . -26.06 12.25 17.63
OBY LMN E . -29.96 6.09 11.66
OBZ LMN E . -27.14 11.87 23.01
OCB LMN E . -26.36 13.05 21.14
CCC LMN E . -31.01 5.06 11.50
CCD LMN E . -26.82 11.34 24.36
CCF LMN E . -26.49 11.84 19.01
CCH LMN E . -24.50 13.19 19.60
CCJ LMN E . -24.62 12.20 17.33
CCL LMN E . -23.74 12.44 18.54
CCM LMN E . -22.98 10.77 14.50
CCN LMN E . -32.33 5.66 11.02
CCO LMN E . -25.76 12.16 25.10
CCQ LMN E . -25.56 12.32 20.12
CCR LMN E . -30.40 7.26 12.45
CCS LMN E . -26.01 12.61 22.40
CCT LMN E . -32.22 7.12 10.73
CCU LMN E . -25.81 13.61 24.70
CCV LMN E . -31.69 7.87 11.89
CCW LMN E . -25.60 13.82 23.24
C2 PEF F . -26.10 -3.43 4.27
C1 PEF F . -26.97 -4.08 5.34
N PEF F . -32.82 -8.47 6.49
C3 PEF F . -25.45 -2.17 4.83
C4 PEF F . -31.38 -6.64 5.80
C5 PEF F . -31.53 -8.16 5.93
C10 PEF F . -24.95 -4.41 2.48
C11 PEF F . -23.59 -4.76 1.89
C12 PEF F . -23.78 -5.38 0.50
C13 PEF F . -23.66 -4.30 -0.56
C14 PEF F . -22.26 -3.69 -0.52
C15 PEF F . -21.57 -3.89 -1.87
C16 PEF F . -21.17 -5.36 -2.04
C17 PEF F . -20.09 -5.47 -3.10
C18 PEF F . -19.78 -6.94 -3.38
C19 PEF F . -18.39 -7.07 -3.99
C20 PEF F . -17.36 -6.52 -3.00
C21 PEF F . -16.45 -5.51 -3.73
C22 PEF F . -15.72 -4.66 -2.69
C23 PEF F . -16.72 -4.11 -1.67
C24 PEF F . -15.99 -3.25 -0.64
C25 PEF F . -16.89 -3.04 0.57
C30 PEF F . -23.97 -0.50 4.12
C31 PEF F . -22.63 -0.03 3.55
C32 PEF F . -22.90 0.99 2.45
C33 PEF F . -23.74 0.32 1.35
C34 PEF F . -24.73 1.35 0.77
C35 PEF F . -25.84 0.61 0.04
C36 PEF F . -25.28 -0.05 -1.21
C37 PEF F . -24.66 1.01 -2.11
C38 PEF F . -23.21 0.63 -2.41
C39 PEF F . -22.55 1.73 -3.26
C40 PEF F . -21.79 1.09 -4.41
C41 PEF F . -20.31 1.03 -4.06
C42 PEF F . -19.65 -0.11 -4.84
C43 PEF F . -19.27 -1.23 -3.89
C44 PEF F . -18.19 -0.73 -2.91
C45 PEF F . -16.84 -0.70 -3.62
O4 PEF F . -25.88 -4.21 1.78
O5 PEF F . -24.72 0.29 4.60
O2 PEF F . -25.10 -4.33 3.87
O3 PEF F . -24.31 -1.86 4.08
O1P PEF F . -29.15 -4.80 7.05
O2P PEF F . -30.39 -3.77 5.19
O3P PEF F . -28.04 -4.72 4.72
O4P PEF F . -30.15 -6.33 5.23
P PEF F . -29.45 -4.88 5.57
C1 LMN G . -21.14 -6.13 25.48
O1 LMN G . -20.44 -5.38 24.63
C2 LMN G . -22.65 -5.81 25.34
O2 LMN G . -23.37 -7.03 25.21
C3 LMN G . -23.15 -5.09 26.55
O3 LMN G . -22.28 -3.93 26.77
C4 LMN G . -23.07 -5.94 27.73
O4 LMN G . -23.94 -7.14 27.48
C5 LMN G . -21.66 -6.36 27.96
O5 LMN G . -20.73 -5.82 26.92
C6 LMN G . -21.21 -5.86 29.31
O6 LMN G . -22.13 -4.92 29.80
CAA LMN G . -12.22 -4.93 13.48
CAB LMN G . -9.10 -9.43 21.91
OAI LMN G . -27.42 -11.00 28.44
OAJ LMN G . -26.42 2.10 23.01
OAL LMN G . -25.27 -4.44 19.34
OAN LMN G . -24.12 -0.80 22.64
OAP LMN G . -23.58 -3.47 22.40
OAQ LMN G . -26.34 -9.44 31.82
OAR LMN G . -29.41 1.91 21.36
OAS LMN G . -24.14 -7.36 31.93
OAT LMN G . -28.24 2.56 18.81
OAU LMN G . -25.97 -6.16 29.16
OAV LMN G . -27.03 -0.52 18.34
CAW LMN G . -11.95 -5.62 14.86
CAX LMN G . -10.04 -8.57 22.79
CAY LMN G . -13.12 -6.62 15.15
CAZ LMN G . -10.98 -7.73 21.86
CBA LMN G . -13.19 -6.87 16.68
CBB LMN G . -12.12 -7.09 22.73
CBC LMN G . -14.64 -7.24 17.06
CBD LMN G . -12.88 -6.04 21.85
CBE LMN G . -15.07 -6.40 18.30
CBF LMN G . -13.69 -5.07 22.76
CBG LMN G . -16.60 -6.02 18.16
CBH LMN G . -14.40 -5.87 23.90
CBI LMN G . -17.39 -6.56 19.45
CBJ LMN G . -15.81 -5.25 24.13
CBK LMN G . -18.46 -5.50 19.91
CBL LMN G . -16.80 -5.78 22.99
CBM LMN G . -26.38 -10.79 29.35
CBN LMN G . -27.17 0.90 23.19
CBP LMN G . -25.14 -3.18 18.74
CBQ LMN G . -19.33 -6.13 21.09
CBR LMN G . -17.78 -4.64 22.59
CBS LMN G . -19.64 -6.15 23.67
CBT LMN G . -20.33 -4.01 22.26
OBV LMN G . -21.17 -4.22 21.07
OBX LMN G . -22.98 -3.58 19.73
OBY LMN G . -25.21 -8.90 28.31
OBZ LMN G . -26.47 -0.37 21.26
OCB LMN G . -24.67 -0.25 19.71
CCC LMN G . -26.09 -9.30 29.44
CCD LMN G . -27.60 0.38 21.84
CCF LMN G . -23.92 -2.50 19.30
CCH LMN G . -23.42 -1.28 21.47
CCJ LMN G . -21.96 -3.12 20.68
CCL LMN G . -22.65 -2.51 21.88
CCM LMN G . -19.25 -5.23 22.39
CCN LMN G . -25.46 -9.00 30.79
CCO LMN G . -28.05 1.57 20.99
CCQ LMN G . -24.39 -1.54 20.39
CCR LMN G . -24.26 -7.81 28.65
CCS LMN G . -25.78 0.40 20.19
CCT LMN G . -25.21 -7.54 30.95
CCU LMN G . -28.02 1.30 19.53
CCV LMN G . -24.81 -6.85 29.70
CCW LMN G . -26.74 0.70 19.04
#